data_8SLC
#
_entry.id   8SLC
#
_cell.length_a   149.435
_cell.length_b   149.435
_cell.length_c   127.013
_cell.angle_alpha   90.00
_cell.angle_beta   90.00
_cell.angle_gamma   120.00
#
_symmetry.space_group_name_H-M   'P 63'
#
loop_
_entity.id
_entity.type
_entity.pdbx_description
1 polymer 'Green fluorescent protein'
2 polymer LaG43
3 non-polymer GLYCEROL
4 non-polymer 'CHLORIDE ION'
5 non-polymer 'SODIUM ION'
6 water water
#
loop_
_entity_poly.entity_id
_entity_poly.type
_entity_poly.pdbx_seq_one_letter_code
_entity_poly.pdbx_strand_id
1 'polypeptide(L)'
;MASKGEELFTGVVPILVELDGDVNGHKFSVSGEGEGDATYGKLTLKFICTTGKLPVPWPTLVTTF(CR2)VQCFARYPDH
MKQHDFFKSAMPEGYVQERTIFFKDDGNYKTRAEVKFEGDTLVNRIELKGIDFKEDGNILGHKLEYNYNSHNVYIMADKQ
KNGIKVNFKIRHNIEDGSVHLADHYQQNTPIGDGPVLLPDNHYLSTQSALSKDPNEKRDHMVLLEFVTAAGITHGMDELY
KGLEVLFQGPSHHHHHH
;
A,B
2 'polypeptide(L)'
;GSMADVQLVESGGGLVQPGGSLRLSCEASGGAFSTVAMGWFRQAPGKEREFVGAITWTAGSTYYADSAKGRFTISRDNAK
NTVHLQMNSLKPEDTAVYYCAQRVRGFFGPLRTTPSWYEYWGQGTQVTVSGLEVLFQGPSLEHHHHHH
;
C,D
#
# COMPACT_ATOMS: atom_id res chain seq x y z
N ALA A 2 36.82 3.53 -21.47
CA ALA A 2 35.44 3.30 -21.98
C ALA A 2 34.44 3.99 -21.06
N SER A 3 33.17 3.61 -21.15
CA SER A 3 32.19 4.02 -20.16
C SER A 3 32.31 3.12 -18.94
N LYS A 4 32.15 3.72 -17.76
CA LYS A 4 32.19 2.99 -16.50
C LYS A 4 31.27 3.69 -15.53
N GLY A 5 30.72 2.91 -14.59
CA GLY A 5 29.85 3.50 -13.58
C GLY A 5 28.54 3.99 -14.18
N GLU A 6 28.10 5.16 -13.72
CA GLU A 6 26.82 5.71 -14.16
C GLU A 6 26.75 5.91 -15.66
N GLU A 7 27.90 6.04 -16.34
CA GLU A 7 27.89 6.24 -17.78
C GLU A 7 27.12 5.15 -18.51
N LEU A 8 26.99 3.97 -17.93
CA LEU A 8 26.41 2.81 -18.58
C LEU A 8 24.88 2.76 -18.49
N PHE A 9 24.26 3.71 -17.79
CA PHE A 9 22.82 3.67 -17.54
C PHE A 9 22.09 4.86 -18.15
N THR A 10 22.77 5.70 -18.93
CA THR A 10 22.13 6.88 -19.50
C THR A 10 20.98 6.54 -20.43
N GLY A 11 20.95 5.31 -20.97
CA GLY A 11 19.89 4.92 -21.87
C GLY A 11 19.22 3.63 -21.45
N VAL A 12 18.61 2.93 -22.40
CA VAL A 12 17.98 1.65 -22.13
C VAL A 12 19.06 0.59 -22.00
N VAL A 13 18.87 -0.33 -21.05
CA VAL A 13 19.81 -1.40 -20.78
C VAL A 13 19.03 -2.72 -20.71
N PRO A 14 19.35 -3.71 -21.52
CA PRO A 14 18.63 -5.00 -21.42
C PRO A 14 18.98 -5.73 -20.13
N ILE A 15 17.99 -6.44 -19.60
CA ILE A 15 18.12 -7.12 -18.32
C ILE A 15 17.82 -8.60 -18.51
N LEU A 16 18.53 -9.42 -17.72
CA LEU A 16 18.31 -10.85 -17.65
C LEU A 16 18.24 -11.27 -16.19
N VAL A 17 17.26 -12.09 -15.85
CA VAL A 17 17.07 -12.58 -14.49
C VAL A 17 16.87 -14.09 -14.55
N GLU A 18 17.74 -14.83 -13.85
CA GLU A 18 17.58 -16.26 -13.64
C GLU A 18 17.59 -16.52 -12.14
N LEU A 19 16.76 -17.47 -11.69
CA LEU A 19 16.66 -17.75 -10.27
C LEU A 19 16.42 -19.24 -10.06
N ASP A 20 17.09 -19.79 -9.05
CA ASP A 20 16.87 -21.16 -8.59
C ASP A 20 16.35 -21.09 -7.16
N GLY A 21 15.28 -21.83 -6.88
CA GLY A 21 14.60 -21.72 -5.61
C GLY A 21 14.38 -23.08 -4.96
N ASP A 22 14.25 -23.02 -3.63
CA ASP A 22 13.91 -24.21 -2.83
C ASP A 22 13.14 -23.70 -1.62
N VAL A 23 11.81 -23.88 -1.63
CA VAL A 23 10.95 -23.43 -0.54
C VAL A 23 10.30 -24.68 0.06
N ASN A 24 10.64 -24.97 1.32
CA ASN A 24 10.08 -26.12 2.03
C ASN A 24 10.18 -27.39 1.20
N GLY A 25 11.28 -27.52 0.45
CA GLY A 25 11.52 -28.67 -0.37
C GLY A 25 11.08 -28.52 -1.81
N HIS A 26 10.01 -27.76 -2.06
CA HIS A 26 9.56 -27.53 -3.42
C HIS A 26 10.63 -26.76 -4.18
N LYS A 27 10.93 -27.20 -5.40
CA LYS A 27 12.09 -26.73 -6.14
C LYS A 27 11.65 -26.22 -7.50
N PHE A 28 12.17 -25.05 -7.89
CA PHE A 28 11.69 -24.38 -9.09
C PHE A 28 12.77 -23.46 -9.64
N SER A 29 12.59 -23.08 -10.89
CA SER A 29 13.45 -22.12 -11.58
C SER A 29 12.59 -21.10 -12.30
N VAL A 30 13.11 -19.88 -12.41
CA VAL A 30 12.43 -18.79 -13.11
C VAL A 30 13.43 -18.07 -13.99
N SER A 31 12.96 -17.61 -15.14
CA SER A 31 13.74 -16.80 -16.05
C SER A 31 13.00 -15.50 -16.33
N GLY A 32 13.75 -14.42 -16.52
CA GLY A 32 13.14 -13.12 -16.73
C GLY A 32 13.92 -12.33 -17.75
N GLU A 33 13.19 -11.49 -18.49
CA GLU A 33 13.78 -10.61 -19.47
C GLU A 33 13.05 -9.27 -19.45
N GLY A 34 13.75 -8.23 -19.92
CA GLY A 34 13.18 -6.90 -19.92
C GLY A 34 14.24 -5.85 -20.16
N GLU A 35 14.01 -4.67 -19.60
CA GLU A 35 14.93 -3.55 -19.76
C GLU A 35 14.73 -2.56 -18.64
N GLY A 36 15.76 -1.77 -18.39
CA GLY A 36 15.70 -0.71 -17.39
C GLY A 36 16.23 0.59 -17.93
N ASP A 37 15.62 1.68 -17.50
CA ASP A 37 16.01 3.04 -17.90
C ASP A 37 16.13 3.87 -16.62
N ALA A 38 17.37 4.06 -16.16
CA ALA A 38 17.60 4.83 -14.94
C ALA A 38 17.37 6.32 -15.12
N THR A 39 17.20 6.78 -16.36
CA THR A 39 16.87 8.19 -16.57
C THR A 39 15.48 8.52 -16.07
N TYR A 40 14.55 7.57 -16.22
CA TYR A 40 13.20 7.68 -15.68
C TYR A 40 13.02 6.93 -14.37
N GLY A 41 14.01 6.14 -13.96
CA GLY A 41 13.82 5.22 -12.85
C GLY A 41 12.84 4.12 -13.17
N LYS A 42 12.75 3.70 -14.42
CA LYS A 42 11.72 2.80 -14.90
C LYS A 42 12.31 1.42 -15.17
N LEU A 43 11.58 0.39 -14.76
CA LEU A 43 12.04 -0.99 -14.83
C LEU A 43 10.88 -1.85 -15.32
N THR A 44 11.14 -2.67 -16.33
CA THR A 44 10.11 -3.53 -16.92
C THR A 44 10.68 -4.93 -17.11
N LEU A 45 10.03 -5.93 -16.51
CA LEU A 45 10.49 -7.30 -16.59
C LEU A 45 9.29 -8.24 -16.74
N LYS A 46 9.51 -9.34 -17.45
CA LYS A 46 8.54 -10.42 -17.56
C LYS A 46 9.19 -11.71 -17.07
N PHE A 47 8.52 -12.41 -16.16
CA PHE A 47 9.06 -13.59 -15.51
C PHE A 47 8.23 -14.82 -15.87
N ILE A 48 8.91 -15.95 -16.04
CA ILE A 48 8.28 -17.22 -16.38
C ILE A 48 8.87 -18.31 -15.50
N CYS A 49 8.01 -19.11 -14.89
CA CYS A 49 8.47 -20.30 -14.17
C CYS A 49 8.72 -21.40 -15.19
N THR A 50 9.99 -21.79 -15.34
CA THR A 50 10.37 -22.76 -16.35
C THR A 50 10.19 -24.20 -15.88
N THR A 51 10.18 -24.45 -14.58
CA THR A 51 9.97 -25.79 -14.02
C THR A 51 8.50 -26.09 -13.81
N GLY A 52 7.65 -25.61 -14.70
CA GLY A 52 6.23 -25.80 -14.55
C GLY A 52 5.59 -24.58 -13.93
N LYS A 53 5.39 -24.61 -12.62
CA LYS A 53 4.55 -23.62 -11.99
C LYS A 53 5.14 -23.23 -10.64
N LEU A 54 4.85 -22.01 -10.21
CA LEU A 54 5.49 -21.43 -9.04
C LEU A 54 4.88 -21.96 -7.75
N PRO A 55 5.66 -22.57 -6.85
CA PRO A 55 5.09 -23.08 -5.60
C PRO A 55 4.78 -22.01 -4.57
N VAL A 56 5.05 -20.74 -4.86
CA VAL A 56 4.79 -19.65 -3.93
C VAL A 56 4.08 -18.53 -4.69
N PRO A 57 3.58 -17.50 -4.02
CA PRO A 57 2.96 -16.39 -4.74
C PRO A 57 4.01 -15.49 -5.40
N TRP A 58 3.72 -15.07 -6.63
CA TRP A 58 4.61 -14.17 -7.35
C TRP A 58 4.98 -12.93 -6.54
N PRO A 59 4.04 -12.24 -5.87
CA PRO A 59 4.41 -10.97 -5.22
C PRO A 59 5.55 -11.09 -4.23
N THR A 60 5.77 -12.24 -3.63
CA THR A 60 6.81 -12.36 -2.60
C THR A 60 8.22 -12.29 -3.17
N LEU A 61 8.38 -12.43 -4.49
CA LEU A 61 9.69 -12.43 -5.12
C LEU A 61 9.93 -11.19 -5.98
N VAL A 62 9.07 -10.18 -5.88
CA VAL A 62 9.31 -8.93 -6.58
C VAL A 62 10.63 -8.32 -6.12
N THR A 63 10.82 -8.21 -4.81
CA THR A 63 12.06 -7.65 -4.27
C THR A 63 13.27 -8.44 -4.76
N THR A 64 13.21 -9.76 -4.68
CA THR A 64 14.37 -10.57 -5.02
C THR A 64 14.70 -10.48 -6.51
N PHE A 65 13.69 -10.38 -7.36
CA PHE A 65 13.91 -10.31 -8.80
C PHE A 65 14.61 -9.01 -9.17
N VAL A 67 17.24 -5.06 -9.15
CA VAL A 67 18.28 -4.33 -9.85
C VAL A 67 18.16 -2.84 -9.53
N GLN A 68 18.52 -2.49 -8.29
CA GLN A 68 18.40 -1.12 -7.81
C GLN A 68 19.41 -0.19 -8.45
N CYS A 69 20.25 -0.68 -9.37
CA CYS A 69 21.11 0.21 -10.14
C CYS A 69 20.33 1.03 -11.17
N PHE A 70 19.03 0.78 -11.32
CA PHE A 70 18.20 1.52 -12.24
C PHE A 70 17.36 2.59 -11.55
N ALA A 71 17.56 2.78 -10.23
CA ALA A 71 16.95 3.92 -9.57
C ALA A 71 17.40 5.21 -10.22
N ARG A 72 16.51 6.20 -10.23
CA ARG A 72 16.84 7.53 -10.71
C ARG A 72 17.39 8.34 -9.55
N TYR A 73 18.71 8.47 -9.49
CA TYR A 73 19.35 9.29 -8.47
C TYR A 73 19.39 10.73 -8.97
N PRO A 74 18.59 11.65 -8.42
CA PRO A 74 18.59 13.01 -8.94
C PRO A 74 19.98 13.62 -8.91
N ASP A 75 20.20 14.61 -9.80
CA ASP A 75 21.55 15.10 -10.05
C ASP A 75 22.28 15.44 -8.75
N HIS A 76 21.60 16.09 -7.82
CA HIS A 76 22.25 16.54 -6.60
C HIS A 76 22.61 15.41 -5.66
N MET A 77 22.25 14.16 -5.97
CA MET A 77 22.58 13.02 -5.13
C MET A 77 23.56 12.05 -5.77
N LYS A 78 24.06 12.33 -6.97
CA LYS A 78 24.74 11.30 -7.75
C LYS A 78 25.97 10.75 -7.03
N GLN A 79 26.46 11.43 -5.99
CA GLN A 79 27.59 10.94 -5.23
C GLN A 79 27.20 9.86 -4.23
N HIS A 80 25.93 9.42 -4.22
CA HIS A 80 25.45 8.41 -3.29
C HIS A 80 24.91 7.18 -4.00
N ASP A 81 25.08 7.07 -5.32
CA ASP A 81 24.61 5.92 -6.08
C ASP A 81 25.67 4.82 -6.04
N PHE A 82 25.63 4.03 -4.96
CA PHE A 82 26.56 2.92 -4.82
C PHE A 82 26.37 1.92 -5.95
N PHE A 83 25.11 1.62 -6.30
CA PHE A 83 24.84 0.55 -7.26
C PHE A 83 25.53 0.80 -8.58
N LYS A 84 25.28 1.96 -9.19
CA LYS A 84 25.88 2.24 -10.49
C LYS A 84 27.39 2.35 -10.41
N SER A 85 27.92 2.79 -9.27
CA SER A 85 29.36 3.00 -9.13
C SER A 85 30.13 1.69 -9.17
N ALA A 86 29.49 0.57 -8.82
CA ALA A 86 30.16 -0.72 -8.85
C ALA A 86 30.15 -1.38 -10.23
N MET A 87 29.51 -0.76 -11.20
CA MET A 87 29.42 -1.36 -12.53
C MET A 87 30.56 -0.91 -13.40
N PRO A 88 30.94 -1.71 -14.41
CA PRO A 88 30.30 -2.97 -14.85
C PRO A 88 30.67 -4.21 -14.03
N GLU A 89 31.68 -4.13 -13.18
CA GLU A 89 32.15 -5.31 -12.46
C GLU A 89 31.00 -6.00 -11.73
N GLY A 90 30.18 -5.23 -11.02
CA GLY A 90 28.98 -5.74 -10.39
C GLY A 90 29.07 -5.72 -8.87
N TYR A 91 27.97 -6.17 -8.26
CA TYR A 91 27.89 -6.28 -6.82
C TYR A 91 27.10 -7.53 -6.43
N VAL A 92 27.25 -7.93 -5.18
CA VAL A 92 26.50 -9.04 -4.60
C VAL A 92 25.36 -8.47 -3.79
N GLN A 93 24.20 -9.15 -3.81
CA GLN A 93 23.02 -8.72 -3.06
C GLN A 93 22.53 -9.89 -2.22
N GLU A 94 22.77 -9.82 -0.92
CA GLU A 94 22.30 -10.82 0.03
C GLU A 94 21.10 -10.27 0.78
N ARG A 95 20.14 -11.15 1.07
CA ARG A 95 18.92 -10.73 1.74
C ARG A 95 18.42 -11.84 2.65
N THR A 96 17.75 -11.43 3.72
CA THR A 96 16.94 -12.33 4.55
C THR A 96 15.58 -11.67 4.75
N ILE A 97 14.52 -12.36 4.34
CA ILE A 97 13.17 -11.81 4.35
C ILE A 97 12.36 -12.58 5.38
N PHE A 98 11.83 -11.86 6.37
CA PHE A 98 11.06 -12.46 7.46
C PHE A 98 9.57 -12.20 7.23
N PHE A 99 8.84 -13.26 6.92
CA PHE A 99 7.38 -13.18 6.89
C PHE A 99 6.85 -13.40 8.31
N LYS A 100 6.16 -12.40 8.84
CA LYS A 100 5.70 -12.47 10.22
C LYS A 100 4.84 -13.72 10.44
N ASP A 101 5.12 -14.44 11.52
CA ASP A 101 4.41 -15.67 11.86
C ASP A 101 4.36 -16.60 10.64
N ASP A 102 5.51 -16.77 10.01
CA ASP A 102 5.67 -17.66 8.87
C ASP A 102 7.16 -17.73 8.56
N GLY A 103 7.51 -18.55 7.57
CA GLY A 103 8.90 -18.80 7.24
C GLY A 103 9.70 -17.59 6.82
N ASN A 104 10.81 -17.83 6.12
CA ASN A 104 11.73 -16.77 5.75
C ASN A 104 12.47 -17.16 4.48
N TYR A 105 12.81 -16.16 3.68
CA TYR A 105 13.63 -16.34 2.50
C TYR A 105 15.08 -15.96 2.81
N LYS A 106 16.01 -16.69 2.21
CA LYS A 106 17.43 -16.33 2.24
C LYS A 106 17.91 -16.26 0.80
N THR A 107 18.41 -15.09 0.42
CA THR A 107 18.74 -14.79 -0.97
C THR A 107 20.21 -14.40 -1.09
N ARG A 108 20.83 -14.83 -2.18
CA ARG A 108 22.13 -14.31 -2.59
C ARG A 108 22.14 -14.19 -4.10
N ALA A 109 22.55 -13.03 -4.60
CA ALA A 109 22.49 -12.75 -6.03
C ALA A 109 23.71 -11.95 -6.45
N GLU A 110 24.02 -12.05 -7.74
CA GLU A 110 25.12 -11.31 -8.34
C GLU A 110 24.57 -10.47 -9.49
N VAL A 111 24.62 -9.16 -9.33
CA VAL A 111 24.18 -8.22 -10.35
C VAL A 111 25.41 -7.66 -11.04
N LYS A 112 25.55 -7.93 -12.33
CA LYS A 112 26.72 -7.48 -13.07
C LYS A 112 26.43 -7.52 -14.56
N PHE A 113 27.20 -6.73 -15.30
CA PHE A 113 27.12 -6.73 -16.76
C PHE A 113 27.83 -7.96 -17.32
N GLU A 114 27.25 -8.58 -18.33
CA GLU A 114 27.86 -9.70 -19.04
C GLU A 114 27.69 -9.44 -20.53
N GLY A 115 28.46 -8.48 -21.06
CA GLY A 115 28.45 -8.19 -22.48
C GLY A 115 27.67 -6.94 -22.83
N ASP A 116 26.41 -7.13 -23.24
CA ASP A 116 25.50 -6.03 -23.53
C ASP A 116 24.28 -6.05 -22.62
N THR A 117 24.31 -6.85 -21.55
CA THR A 117 23.13 -7.11 -20.76
C THR A 117 23.48 -7.12 -19.28
N LEU A 118 22.61 -6.50 -18.48
CA LEU A 118 22.72 -6.51 -17.02
C LEU A 118 22.04 -7.77 -16.51
N VAL A 119 22.78 -8.60 -15.78
CA VAL A 119 22.31 -9.92 -15.37
C VAL A 119 22.22 -9.97 -13.86
N ASN A 120 21.06 -10.40 -13.36
CA ASN A 120 20.82 -10.62 -11.94
C ASN A 120 20.53 -12.11 -11.75
N ARG A 121 21.53 -12.86 -11.29
CA ARG A 121 21.39 -14.29 -11.07
C ARG A 121 21.29 -14.57 -9.57
N ILE A 122 20.22 -15.27 -9.18
CA ILE A 122 19.85 -15.42 -7.78
C ILE A 122 19.78 -16.89 -7.42
N GLU A 123 19.97 -17.15 -6.12
CA GLU A 123 19.69 -18.44 -5.49
C GLU A 123 18.89 -18.16 -4.23
N LEU A 124 17.72 -18.77 -4.12
CA LEU A 124 16.78 -18.52 -3.04
C LEU A 124 16.51 -19.83 -2.31
N LYS A 125 16.35 -19.74 -0.98
CA LYS A 125 16.06 -20.92 -0.17
C LYS A 125 15.10 -20.51 0.94
N GLY A 126 13.92 -21.11 0.95
CA GLY A 126 12.89 -20.83 1.94
C GLY A 126 12.74 -22.00 2.89
N ILE A 127 12.36 -21.70 4.14
CA ILE A 127 12.23 -22.69 5.19
C ILE A 127 11.20 -22.23 6.20
N ASP A 128 10.66 -23.18 6.95
CA ASP A 128 9.82 -22.90 8.12
C ASP A 128 8.50 -22.24 7.76
N PHE A 129 7.96 -22.52 6.59
CA PHE A 129 6.68 -21.96 6.18
C PHE A 129 5.55 -22.90 6.59
N LYS A 130 4.36 -22.31 6.78
CA LYS A 130 3.16 -23.07 7.13
C LYS A 130 2.43 -23.48 5.84
N GLU A 131 2.29 -24.79 5.63
CA GLU A 131 1.70 -25.30 4.39
C GLU A 131 0.25 -24.88 4.21
N ASP A 132 -0.37 -24.27 5.22
CA ASP A 132 -1.69 -23.69 5.09
C ASP A 132 -1.67 -22.17 5.31
N GLY A 133 -0.50 -21.60 5.54
CA GLY A 133 -0.39 -20.17 5.76
C GLY A 133 -0.60 -19.39 4.47
N ASN A 134 -0.37 -18.08 4.58
CA ASN A 134 -0.71 -17.19 3.48
C ASN A 134 0.20 -17.38 2.28
N ILE A 135 1.45 -17.79 2.50
CA ILE A 135 2.41 -17.89 1.41
C ILE A 135 2.12 -19.18 0.63
N LEU A 136 2.37 -20.33 1.25
CA LEU A 136 2.16 -21.60 0.57
C LEU A 136 0.67 -21.87 0.34
N GLY A 137 -0.22 -21.17 1.02
CA GLY A 137 -1.64 -21.26 0.76
C GLY A 137 -2.12 -20.38 -0.37
N HIS A 138 -1.22 -19.69 -1.06
CA HIS A 138 -1.55 -18.80 -2.16
C HIS A 138 -2.72 -17.90 -1.79
N LYS A 139 -2.54 -17.15 -0.70
CA LYS A 139 -3.56 -16.25 -0.18
C LYS A 139 -3.25 -14.78 -0.44
N LEU A 140 -2.27 -14.50 -1.29
CA LEU A 140 -1.80 -13.13 -1.50
C LEU A 140 -2.47 -12.52 -2.73
N GLU A 141 -2.98 -11.30 -2.57
CA GLU A 141 -3.48 -10.55 -3.71
C GLU A 141 -2.35 -10.29 -4.70
N TYR A 142 -2.67 -10.42 -5.99
CA TYR A 142 -1.71 -10.19 -7.06
C TYR A 142 -1.60 -8.68 -7.28
N ASN A 143 -0.90 -8.03 -6.36
CA ASN A 143 -0.70 -6.59 -6.43
C ASN A 143 0.53 -6.25 -5.60
N TYR A 144 0.93 -4.98 -5.65
CA TYR A 144 2.06 -4.49 -4.89
C TYR A 144 1.81 -3.05 -4.49
N ASN A 145 2.37 -2.66 -3.36
CA ASN A 145 2.26 -1.30 -2.84
C ASN A 145 3.58 -0.58 -3.04
N SER A 146 3.68 0.63 -2.49
CA SER A 146 4.86 1.47 -2.59
C SER A 146 5.56 1.55 -1.24
N HIS A 147 6.89 1.48 -1.27
CA HIS A 147 7.67 1.43 -0.03
C HIS A 147 8.89 2.34 -0.14
N ASN A 148 9.46 2.64 1.03
CA ASN A 148 10.72 3.37 1.13
C ASN A 148 11.84 2.38 1.47
N VAL A 149 12.88 2.36 0.65
CA VAL A 149 14.03 1.49 0.84
C VAL A 149 15.15 2.32 1.47
N TYR A 150 15.55 1.96 2.69
CA TYR A 150 16.45 2.76 3.49
C TYR A 150 17.87 2.23 3.34
N ILE A 151 18.76 3.05 2.78
CA ILE A 151 20.15 2.68 2.51
C ILE A 151 21.06 3.35 3.54
N MET A 152 22.12 2.64 3.93
CA MET A 152 23.07 3.12 4.93
C MET A 152 24.44 2.53 4.62
N ALA A 153 25.49 3.33 4.82
CA ALA A 153 26.84 2.88 4.53
C ALA A 153 27.28 1.82 5.53
N ASP A 154 27.75 0.68 5.01
CA ASP A 154 28.27 -0.41 5.84
C ASP A 154 29.78 -0.21 5.98
N LYS A 155 30.18 0.38 7.11
CA LYS A 155 31.58 0.75 7.28
C LYS A 155 32.49 -0.47 7.41
N GLN A 156 32.05 -1.48 8.16
CA GLN A 156 32.86 -2.68 8.33
C GLN A 156 33.28 -3.26 6.98
N LYS A 157 32.32 -3.44 6.08
CA LYS A 157 32.63 -3.90 4.72
C LYS A 157 33.07 -2.72 3.88
N ASN A 158 32.91 -2.85 2.56
CA ASN A 158 33.07 -1.75 1.62
C ASN A 158 31.76 -1.51 0.86
N GLY A 159 30.62 -1.78 1.50
CA GLY A 159 29.33 -1.74 0.83
C GLY A 159 28.30 -0.96 1.63
N ILE A 160 27.07 -1.49 1.63
CA ILE A 160 25.92 -0.81 2.21
C ILE A 160 25.03 -1.83 2.91
N LYS A 161 24.25 -1.33 3.86
CA LYS A 161 23.18 -2.09 4.51
C LYS A 161 21.84 -1.45 4.15
N VAL A 162 20.85 -2.29 3.87
CA VAL A 162 19.56 -1.82 3.38
C VAL A 162 18.46 -2.58 4.11
N ASN A 163 17.38 -1.88 4.44
CA ASN A 163 16.25 -2.51 5.12
C ASN A 163 14.97 -1.76 4.82
N PHE A 164 13.86 -2.48 4.89
CA PHE A 164 12.53 -1.97 4.60
C PHE A 164 11.54 -3.10 4.85
N LYS A 165 10.27 -2.74 5.03
CA LYS A 165 9.20 -3.70 5.28
C LYS A 165 8.19 -3.64 4.15
N ILE A 166 7.91 -4.79 3.54
CA ILE A 166 6.94 -4.90 2.46
C ILE A 166 5.58 -5.26 3.05
N ARG A 167 4.52 -4.75 2.42
CA ARG A 167 3.15 -5.01 2.83
C ARG A 167 2.45 -5.76 1.70
N HIS A 168 2.41 -7.08 1.82
CA HIS A 168 1.72 -7.94 0.86
C HIS A 168 0.25 -8.03 1.28
N ASN A 169 -0.64 -7.49 0.45
CA ASN A 169 -2.05 -7.52 0.76
C ASN A 169 -2.60 -8.93 0.63
N ILE A 170 -3.62 -9.23 1.44
CA ILE A 170 -4.16 -10.58 1.58
C ILE A 170 -5.59 -10.61 1.09
N GLU A 171 -6.02 -11.78 0.59
CA GLU A 171 -7.32 -11.87 -0.07
C GLU A 171 -8.46 -11.54 0.90
N ASP A 172 -8.23 -11.71 2.21
CA ASP A 172 -9.26 -11.44 3.20
C ASP A 172 -9.30 -9.96 3.63
N GLY A 173 -8.42 -9.13 3.10
CA GLY A 173 -8.37 -7.72 3.45
C GLY A 173 -7.33 -7.35 4.49
N SER A 174 -6.61 -8.33 5.03
CA SER A 174 -5.56 -8.05 6.00
C SER A 174 -4.26 -7.73 5.27
N VAL A 175 -3.15 -7.65 6.01
CA VAL A 175 -1.86 -7.33 5.45
C VAL A 175 -0.80 -8.22 6.11
N HIS A 176 0.09 -8.78 5.31
CA HIS A 176 1.19 -9.60 5.79
C HIS A 176 2.49 -8.83 5.59
N LEU A 177 3.20 -8.59 6.68
CA LEU A 177 4.46 -7.84 6.64
C LEU A 177 5.63 -8.78 6.36
N ALA A 178 6.54 -8.33 5.51
CA ALA A 178 7.74 -9.09 5.15
C ALA A 178 8.95 -8.21 5.41
N ASP A 179 9.60 -8.40 6.55
CA ASP A 179 10.75 -7.59 6.94
C ASP A 179 11.95 -7.95 6.06
N HIS A 180 12.53 -6.95 5.40
CA HIS A 180 13.65 -7.14 4.49
C HIS A 180 14.93 -6.63 5.14
N TYR A 181 15.99 -7.44 5.10
CA TYR A 181 17.32 -7.05 5.55
C TYR A 181 18.31 -7.45 4.47
N GLN A 182 19.13 -6.49 4.02
CA GLN A 182 19.84 -6.61 2.76
C GLN A 182 21.26 -6.10 2.90
N GLN A 183 22.20 -6.82 2.29
CA GLN A 183 23.60 -6.45 2.21
C GLN A 183 24.03 -6.37 0.76
N ASN A 184 24.81 -5.34 0.43
CA ASN A 184 25.41 -5.21 -0.89
C ASN A 184 26.89 -4.93 -0.72
N THR A 185 27.72 -5.66 -1.47
CA THR A 185 29.16 -5.47 -1.47
C THR A 185 29.64 -5.62 -2.91
N PRO A 186 30.64 -4.85 -3.33
CA PRO A 186 31.06 -4.89 -4.73
C PRO A 186 31.86 -6.13 -5.06
N ILE A 187 31.93 -6.42 -6.36
CA ILE A 187 32.70 -7.55 -6.85
C ILE A 187 34.11 -7.13 -7.25
N GLY A 188 34.24 -6.04 -7.99
CA GLY A 188 35.54 -5.53 -8.36
C GLY A 188 36.30 -5.02 -7.14
N ASP A 189 37.53 -4.60 -7.40
CA ASP A 189 38.37 -3.99 -6.37
C ASP A 189 38.44 -2.47 -6.51
N GLY A 190 37.85 -1.91 -7.56
CA GLY A 190 37.88 -0.48 -7.78
C GLY A 190 37.09 0.28 -6.74
N PRO A 191 37.46 1.53 -6.50
CA PRO A 191 36.73 2.33 -5.50
C PRO A 191 35.28 2.52 -5.87
N VAL A 192 34.43 2.55 -4.85
CA VAL A 192 32.99 2.75 -5.01
C VAL A 192 32.57 4.00 -4.26
N LEU A 193 31.28 4.30 -4.27
CA LEU A 193 30.71 5.42 -3.54
C LEU A 193 30.00 4.90 -2.31
N LEU A 194 30.50 5.25 -1.13
CA LEU A 194 29.79 4.94 0.12
C LEU A 194 28.82 6.07 0.42
N PRO A 195 27.52 5.80 0.54
CA PRO A 195 26.55 6.90 0.56
C PRO A 195 26.16 7.36 1.96
N ASP A 196 25.87 8.65 2.09
CA ASP A 196 25.17 9.14 3.26
C ASP A 196 23.81 8.48 3.36
N ASN A 197 23.28 8.41 4.58
CA ASN A 197 21.96 7.86 4.80
C ASN A 197 20.94 8.50 3.87
N HIS A 198 20.20 7.66 3.15
CA HIS A 198 19.16 8.13 2.24
C HIS A 198 18.21 6.97 1.99
N TYR A 199 17.25 7.18 1.10
CA TYR A 199 16.26 6.14 0.80
C TYR A 199 15.84 6.21 -0.66
N LEU A 200 15.22 5.12 -1.11
CA LEU A 200 14.67 5.02 -2.45
C LEU A 200 13.15 4.92 -2.37
N SER A 201 12.45 5.79 -3.09
CA SER A 201 11.00 5.74 -3.17
C SER A 201 10.62 4.73 -4.24
N THR A 202 10.01 3.62 -3.83
CA THR A 202 9.70 2.53 -4.73
C THR A 202 8.20 2.43 -4.98
N GLN A 203 7.84 2.12 -6.22
CA GLN A 203 6.47 1.85 -6.62
C GLN A 203 6.49 0.70 -7.61
N SER A 204 5.51 -0.19 -7.49
CA SER A 204 5.50 -1.41 -8.29
C SER A 204 4.07 -1.75 -8.67
N ALA A 205 3.93 -2.33 -9.86
CA ALA A 205 2.62 -2.72 -10.39
C ALA A 205 2.79 -4.04 -11.14
N LEU A 206 2.04 -5.05 -10.72
CA LEU A 206 2.08 -6.37 -11.34
C LEU A 206 0.95 -6.51 -12.34
N SER A 207 1.27 -7.09 -13.49
CA SER A 207 0.33 -7.22 -14.60
C SER A 207 0.38 -8.64 -15.13
N LYS A 208 -0.43 -8.89 -16.16
CA LYS A 208 -0.50 -10.20 -16.81
C LYS A 208 -0.58 -9.99 -18.32
N ASP A 209 0.24 -10.75 -19.05
CA ASP A 209 0.18 -10.77 -20.50
C ASP A 209 -0.94 -11.72 -20.94
N PRO A 210 -2.04 -11.21 -21.52
CA PRO A 210 -3.12 -12.11 -21.93
C PRO A 210 -2.72 -13.08 -23.02
N ASN A 211 -1.60 -12.84 -23.70
CA ASN A 211 -1.07 -13.75 -24.71
C ASN A 211 -0.20 -14.83 -24.12
N GLU A 212 -0.18 -14.98 -22.80
CA GLU A 212 0.76 -15.82 -22.09
C GLU A 212 0.02 -17.01 -21.49
N LYS A 213 0.52 -18.21 -21.76
CA LYS A 213 -0.12 -19.44 -21.30
C LYS A 213 0.48 -19.99 -20.01
N ARG A 214 1.78 -19.80 -19.79
CA ARG A 214 2.43 -20.35 -18.60
C ARG A 214 2.21 -19.42 -17.40
N ASP A 215 2.43 -19.97 -16.21
CA ASP A 215 2.41 -19.15 -15.00
C ASP A 215 3.51 -18.12 -15.08
N HIS A 216 3.15 -16.84 -14.98
CA HIS A 216 4.09 -15.76 -15.25
C HIS A 216 3.72 -14.53 -14.43
N MET A 217 4.60 -13.53 -14.49
CA MET A 217 4.38 -12.23 -13.90
C MET A 217 4.99 -11.17 -14.81
N VAL A 218 4.27 -10.07 -15.00
CA VAL A 218 4.80 -8.88 -15.64
C VAL A 218 4.97 -7.83 -14.56
N LEU A 219 6.19 -7.33 -14.40
CA LEU A 219 6.54 -6.42 -13.32
C LEU A 219 7.00 -5.10 -13.92
N LEU A 220 6.45 -4.00 -13.40
CA LEU A 220 6.90 -2.67 -13.75
C LEU A 220 7.20 -1.92 -12.46
N GLU A 221 8.34 -1.23 -12.43
CA GLU A 221 8.85 -0.61 -11.21
C GLU A 221 9.30 0.82 -11.51
N PHE A 222 8.92 1.75 -10.63
CA PHE A 222 9.42 3.11 -10.64
C PHE A 222 10.17 3.34 -9.33
N VAL A 223 11.43 3.76 -9.43
CA VAL A 223 12.28 3.95 -8.25
C VAL A 223 13.02 5.27 -8.39
N THR A 224 12.92 6.12 -7.38
CA THR A 224 13.62 7.39 -7.33
C THR A 224 14.25 7.55 -5.95
N ALA A 225 15.49 8.05 -5.93
CA ALA A 225 16.21 8.22 -4.68
C ALA A 225 15.83 9.54 -4.04
N ALA A 226 15.95 9.59 -2.71
CA ALA A 226 15.58 10.76 -1.94
C ALA A 226 16.27 10.69 -0.58
N GLY A 227 16.22 11.81 0.14
CA GLY A 227 16.70 11.83 1.51
C GLY A 227 17.66 12.95 1.86
N ILE A 228 18.24 13.62 0.86
CA ILE A 228 19.19 14.70 1.09
C ILE A 228 18.55 16.01 0.69
N THR A 229 19.11 17.10 1.22
CA THR A 229 18.73 18.45 0.86
C THR A 229 19.92 19.15 0.23
N HIS A 230 19.65 19.95 -0.80
CA HIS A 230 20.70 20.60 -1.59
C HIS A 230 21.75 21.26 -0.69
N ALA B 2 -22.77 -0.02 -36.24
CA ALA B 2 -21.30 0.22 -36.04
C ALA B 2 -20.82 -0.58 -34.84
N SER B 3 -19.66 -0.23 -34.31
CA SER B 3 -19.25 -0.77 -33.02
C SER B 3 -19.94 -0.01 -31.90
N LYS B 4 -20.32 -0.74 -30.85
CA LYS B 4 -20.95 -0.14 -29.69
C LYS B 4 -20.56 -0.97 -28.48
N GLY B 5 -20.52 -0.31 -27.32
CA GLY B 5 -20.20 -1.03 -26.09
C GLY B 5 -18.75 -1.48 -26.07
N GLU B 6 -18.55 -2.72 -25.59
CA GLU B 6 -17.20 -3.25 -25.44
C GLU B 6 -16.44 -3.28 -26.76
N GLU B 7 -17.14 -3.31 -27.89
CA GLU B 7 -16.47 -3.35 -29.20
C GLU B 7 -15.47 -2.21 -29.37
N LEU B 8 -15.66 -1.10 -28.65
CA LEU B 8 -14.86 0.10 -28.84
C LEU B 8 -13.57 0.11 -28.05
N PHE B 9 -13.30 -0.94 -27.25
CA PHE B 9 -12.14 -0.96 -26.37
C PHE B 9 -11.17 -2.08 -26.70
N THR B 10 -11.40 -2.82 -27.80
CA THR B 10 -10.54 -3.95 -28.13
C THR B 10 -9.10 -3.53 -28.38
N GLY B 11 -8.85 -2.27 -28.71
CA GLY B 11 -7.51 -1.81 -28.97
C GLY B 11 -7.14 -0.59 -28.16
N VAL B 12 -6.18 0.19 -28.64
CA VAL B 12 -5.79 1.42 -27.96
C VAL B 12 -6.83 2.49 -28.23
N VAL B 13 -7.12 3.30 -27.21
CA VAL B 13 -8.11 4.35 -27.29
C VAL B 13 -7.49 5.63 -26.73
N PRO B 14 -7.43 6.72 -27.48
CA PRO B 14 -6.87 7.96 -26.91
C PRO B 14 -7.78 8.56 -25.86
N ILE B 15 -7.16 9.18 -24.86
CA ILE B 15 -7.90 9.73 -23.72
C ILE B 15 -7.59 11.21 -23.58
N LEU B 16 -8.59 11.96 -23.13
CA LEU B 16 -8.47 13.37 -22.82
C LEU B 16 -9.09 13.62 -21.45
N VAL B 17 -8.40 14.38 -20.61
CA VAL B 17 -8.87 14.71 -19.27
C VAL B 17 -8.70 16.21 -19.06
N GLU B 18 -9.81 16.89 -18.77
CA GLU B 18 -9.81 18.28 -18.36
C GLU B 18 -10.51 18.38 -17.01
N LEU B 19 -10.00 19.25 -16.13
CA LEU B 19 -10.58 19.38 -14.80
C LEU B 19 -10.50 20.83 -14.35
N ASP B 20 -11.57 21.29 -13.70
CA ASP B 20 -11.63 22.59 -13.04
C ASP B 20 -11.83 22.35 -11.55
N GLY B 21 -11.01 23.02 -10.73
CA GLY B 21 -11.00 22.76 -9.32
C GLY B 21 -11.14 24.04 -8.49
N ASP B 22 -11.63 23.84 -7.27
CA ASP B 22 -11.72 24.92 -6.28
C ASP B 22 -11.58 24.25 -4.91
N VAL B 23 -10.42 24.40 -4.29
CA VAL B 23 -10.13 23.82 -2.98
C VAL B 23 -9.87 24.97 -2.02
N ASN B 24 -10.75 25.13 -1.04
CA ASN B 24 -10.62 26.17 -0.02
C ASN B 24 -10.36 27.54 -0.66
N GLY B 25 -10.99 27.77 -1.81
CA GLY B 25 -10.86 29.02 -2.53
C GLY B 25 -9.80 29.01 -3.61
N HIS B 26 -8.72 28.25 -3.42
CA HIS B 26 -7.69 28.17 -4.44
C HIS B 26 -8.26 27.50 -5.69
N LYS B 27 -7.98 28.09 -6.84
CA LYS B 27 -8.66 27.74 -8.09
C LYS B 27 -7.62 27.35 -9.14
N PHE B 28 -7.88 26.26 -9.84
CA PHE B 28 -6.89 25.69 -10.75
C PHE B 28 -7.57 24.88 -11.83
N SER B 29 -6.82 24.63 -12.90
CA SER B 29 -7.24 23.78 -14.00
C SER B 29 -6.12 22.81 -14.36
N VAL B 30 -6.50 21.63 -14.82
CA VAL B 30 -5.55 20.61 -15.24
C VAL B 30 -6.01 20.01 -16.56
N SER B 31 -5.05 19.67 -17.40
CA SER B 31 -5.31 18.98 -18.66
C SER B 31 -4.47 17.70 -18.71
N GLY B 32 -5.02 16.68 -19.32
CA GLY B 32 -4.36 15.39 -19.38
C GLY B 32 -4.55 14.72 -20.72
N GLU B 33 -3.55 13.96 -21.13
CA GLU B 33 -3.61 13.19 -22.36
C GLU B 33 -2.93 11.85 -22.16
N GLY B 34 -3.31 10.89 -22.99
CA GLY B 34 -2.76 9.55 -22.88
C GLY B 34 -3.57 8.55 -23.69
N GLU B 35 -3.59 7.31 -23.22
CA GLU B 35 -4.31 6.25 -23.92
C GLU B 35 -4.62 5.13 -22.94
N GLY B 36 -5.63 4.35 -23.28
CA GLY B 36 -6.00 3.19 -22.48
C GLY B 36 -6.20 1.98 -23.35
N ASP B 37 -5.81 0.82 -22.80
CA ASP B 37 -5.94 -0.47 -23.47
C ASP B 37 -6.62 -1.43 -22.51
N ALA B 38 -7.93 -1.64 -22.68
CA ALA B 38 -8.68 -2.53 -21.79
C ALA B 38 -8.34 -4.00 -22.02
N THR B 39 -7.61 -4.34 -23.07
CA THR B 39 -7.19 -5.72 -23.27
C THR B 39 -6.17 -6.12 -22.21
N TYR B 40 -5.31 -5.20 -21.82
CA TYR B 40 -4.35 -5.41 -20.74
C TYR B 40 -4.81 -4.80 -19.42
N GLY B 41 -5.90 -4.03 -19.42
CA GLY B 41 -6.26 -3.25 -18.26
C GLY B 41 -5.28 -2.14 -17.97
N LYS B 42 -4.64 -1.60 -19.00
CA LYS B 42 -3.52 -0.67 -18.85
C LYS B 42 -3.96 0.74 -19.20
N LEU B 43 -3.53 1.70 -18.39
CA LEU B 43 -3.93 3.09 -18.51
C LEU B 43 -2.71 3.97 -18.33
N THR B 44 -2.49 4.91 -19.24
CA THR B 44 -1.33 5.80 -19.19
C THR B 44 -1.79 7.22 -19.47
N LEU B 45 -1.52 8.13 -18.54
CA LEU B 45 -1.92 9.52 -18.66
C LEU B 45 -0.80 10.42 -18.15
N LYS B 46 -0.71 11.61 -18.75
CA LYS B 46 0.17 12.67 -18.28
C LYS B 46 -0.66 13.91 -18.01
N PHE B 47 -0.51 14.48 -16.83
CA PHE B 47 -1.31 15.61 -16.38
C PHE B 47 -0.45 16.84 -16.18
N ILE B 48 -1.00 18.01 -16.51
CA ILE B 48 -0.32 19.29 -16.39
C ILE B 48 -1.28 20.29 -15.77
N CYS B 49 -0.81 21.00 -14.74
CA CYS B 49 -1.58 22.11 -14.19
C CYS B 49 -1.37 23.33 -15.09
N THR B 50 -2.43 23.77 -15.77
CA THR B 50 -2.34 24.85 -16.72
C THR B 50 -2.42 26.22 -16.07
N THR B 51 -3.02 26.32 -14.89
CA THR B 51 -3.13 27.59 -14.16
C THR B 51 -1.94 27.83 -13.26
N GLY B 52 -0.75 27.43 -13.71
CA GLY B 52 0.44 27.57 -12.91
C GLY B 52 0.75 26.27 -12.20
N LYS B 53 0.33 26.15 -10.95
CA LYS B 53 0.80 25.08 -10.11
C LYS B 53 -0.32 24.56 -9.24
N LEU B 54 -0.23 23.28 -8.86
CA LEU B 54 -1.33 22.60 -8.19
C LEU B 54 -1.39 22.98 -6.70
N PRO B 55 -2.51 23.50 -6.20
CA PRO B 55 -2.59 23.86 -4.78
C PRO B 55 -2.76 22.67 -3.84
N VAL B 56 -2.84 21.45 -4.37
CA VAL B 56 -3.01 20.26 -3.55
C VAL B 56 -2.00 19.21 -4.01
N PRO B 57 -1.84 18.10 -3.31
CA PRO B 57 -0.93 17.06 -3.78
C PRO B 57 -1.53 16.26 -4.93
N TRP B 58 -0.69 15.98 -5.93
CA TRP B 58 -1.13 15.18 -7.07
C TRP B 58 -1.80 13.87 -6.67
N PRO B 59 -1.26 13.09 -5.73
CA PRO B 59 -1.84 11.77 -5.45
C PRO B 59 -3.32 11.80 -5.10
N THR B 60 -3.83 12.90 -4.53
CA THR B 60 -5.22 12.93 -4.10
C THR B 60 -6.21 12.95 -5.26
N LEU B 61 -5.75 13.23 -6.48
CA LEU B 61 -6.63 13.34 -7.64
C LEU B 61 -6.41 12.22 -8.64
N VAL B 62 -5.66 11.17 -8.26
CA VAL B 62 -5.52 10.02 -9.12
C VAL B 62 -6.89 9.40 -9.39
N THR B 63 -7.66 9.15 -8.33
CA THR B 63 -8.98 8.57 -8.50
C THR B 63 -9.86 9.43 -9.40
N THR B 64 -9.87 10.73 -9.15
CA THR B 64 -10.77 11.61 -9.90
C THR B 64 -10.38 11.68 -11.37
N PHE B 65 -9.08 11.67 -11.67
CA PHE B 65 -8.62 11.75 -13.04
C PHE B 65 -9.03 10.51 -13.83
N VAL B 67 -11.28 6.66 -15.46
CA VAL B 67 -11.86 6.03 -16.64
C VAL B 67 -11.85 4.52 -16.46
N GLN B 68 -12.74 4.05 -15.57
CA GLN B 68 -12.82 2.64 -15.24
C GLN B 68 -13.39 1.80 -16.38
N CYS B 69 -13.73 2.40 -17.52
CA CYS B 69 -14.11 1.64 -18.68
C CYS B 69 -12.93 0.91 -19.31
N PHE B 70 -11.71 1.14 -18.82
CA PHE B 70 -10.53 0.48 -19.33
C PHE B 70 -10.08 -0.67 -18.45
N ALA B 71 -10.84 -1.00 -17.41
CA ALA B 71 -10.58 -2.22 -16.67
C ALA B 71 -10.65 -3.42 -17.60
N ARG B 72 -9.84 -4.43 -17.29
CA ARG B 72 -9.87 -5.70 -18.02
C ARG B 72 -10.87 -6.61 -17.34
N TYR B 73 -12.07 -6.71 -17.91
CA TYR B 73 -13.08 -7.62 -17.38
C TYR B 73 -12.85 -9.00 -18.00
N PRO B 74 -12.37 -9.99 -17.25
CA PRO B 74 -12.09 -11.29 -17.86
C PRO B 74 -13.32 -11.85 -18.54
N ASP B 75 -13.08 -12.73 -19.52
CA ASP B 75 -14.15 -13.16 -20.42
C ASP B 75 -15.39 -13.61 -19.65
N HIS B 76 -15.19 -14.39 -18.58
CA HIS B 76 -16.32 -14.96 -17.86
C HIS B 76 -17.11 -13.92 -17.06
N MET B 77 -16.68 -12.65 -17.05
CA MET B 77 -17.39 -11.60 -16.34
C MET B 77 -17.99 -10.54 -17.24
N LYS B 78 -17.84 -10.66 -18.56
CA LYS B 78 -18.19 -9.54 -19.43
C LYS B 78 -19.62 -9.07 -19.21
N GLN B 79 -20.48 -9.91 -18.65
CA GLN B 79 -21.86 -9.52 -18.37
C GLN B 79 -21.98 -8.49 -17.27
N HIS B 80 -20.87 -8.03 -16.68
CA HIS B 80 -20.91 -7.14 -15.53
C HIS B 80 -20.12 -5.85 -15.77
N ASP B 81 -19.68 -5.60 -17.00
CA ASP B 81 -18.94 -4.38 -17.33
C ASP B 81 -19.93 -3.28 -17.66
N PHE B 82 -20.41 -2.61 -16.61
CA PHE B 82 -21.32 -1.49 -16.80
C PHE B 82 -20.67 -0.37 -17.59
N PHE B 83 -19.40 -0.08 -17.29
CA PHE B 83 -18.74 1.09 -17.88
C PHE B 83 -18.73 1.00 -19.40
N LYS B 84 -18.21 -0.10 -19.95
CA LYS B 84 -18.13 -0.23 -21.41
C LYS B 84 -19.51 -0.30 -22.04
N SER B 85 -20.49 -0.84 -21.32
CA SER B 85 -21.82 -1.03 -21.89
C SER B 85 -22.53 0.29 -22.13
N ALA B 86 -22.15 1.36 -21.42
CA ALA B 86 -22.77 2.66 -21.60
C ALA B 86 -22.15 3.45 -22.74
N MET B 87 -21.11 2.94 -23.38
CA MET B 87 -20.42 3.67 -24.43
C MET B 87 -21.05 3.36 -25.78
N PRO B 88 -20.92 4.27 -26.76
CA PRO B 88 -20.19 5.55 -26.71
C PRO B 88 -20.92 6.71 -26.03
N GLU B 89 -22.21 6.56 -25.75
CA GLU B 89 -22.99 7.67 -25.20
C GLU B 89 -22.33 8.24 -23.95
N GLY B 90 -21.92 7.37 -23.04
CA GLY B 90 -21.14 7.78 -21.88
C GLY B 90 -21.91 7.59 -20.58
N TYR B 91 -21.24 7.96 -19.48
CA TYR B 91 -21.83 7.90 -18.16
C TYR B 91 -21.34 9.08 -17.33
N VAL B 92 -22.06 9.35 -16.25
CA VAL B 92 -21.70 10.37 -15.28
C VAL B 92 -21.03 9.68 -14.09
N GLN B 93 -20.02 10.33 -13.51
CA GLN B 93 -19.31 9.79 -12.36
C GLN B 93 -19.28 10.84 -11.26
N GLU B 94 -20.10 10.65 -10.23
CA GLU B 94 -20.14 11.53 -9.07
C GLU B 94 -19.40 10.86 -7.92
N ARG B 95 -18.70 11.68 -7.12
CA ARG B 95 -17.93 11.16 -6.01
C ARG B 95 -17.92 12.15 -4.87
N THR B 96 -17.81 11.61 -3.65
CA THR B 96 -17.49 12.39 -2.46
C THR B 96 -16.37 11.68 -1.73
N ILE B 97 -15.25 12.37 -1.52
CA ILE B 97 -14.05 11.79 -0.95
C ILE B 97 -13.82 12.43 0.41
N PHE B 98 -13.78 11.59 1.45
CA PHE B 98 -13.62 12.05 2.82
C PHE B 98 -12.19 11.78 3.28
N PHE B 99 -11.41 12.84 3.46
CA PHE B 99 -10.12 12.73 4.10
C PHE B 99 -10.29 12.77 5.61
N LYS B 100 -9.90 11.71 6.30
CA LYS B 100 -10.14 11.62 7.74
C LYS B 100 -9.50 12.80 8.45
N ASP B 101 -10.26 13.41 9.35
CA ASP B 101 -9.82 14.59 10.11
C ASP B 101 -9.25 15.63 9.17
N ASP B 102 -9.99 15.91 8.10
CA ASP B 102 -9.63 16.91 7.11
C ASP B 102 -10.80 17.06 6.16
N GLY B 103 -10.68 17.99 5.21
CA GLY B 103 -11.78 18.31 4.32
C GLY B 103 -12.25 17.18 3.44
N ASN B 104 -12.92 17.52 2.34
CA ASN B 104 -13.55 16.53 1.48
C ASN B 104 -13.63 17.08 0.06
N TYR B 105 -13.54 16.18 -0.91
CA TYR B 105 -13.72 16.51 -2.31
C TYR B 105 -15.14 16.14 -2.74
N LYS B 106 -15.72 16.95 -3.61
CA LYS B 106 -16.97 16.64 -4.28
C LYS B 106 -16.74 16.72 -5.78
N THR B 107 -16.98 15.62 -6.48
CA THR B 107 -16.63 15.48 -7.88
C THR B 107 -17.86 15.14 -8.71
N ARG B 108 -17.93 15.71 -9.90
CA ARG B 108 -18.88 15.27 -10.91
C ARG B 108 -18.19 15.33 -12.27
N ALA B 109 -18.28 14.23 -13.02
CA ALA B 109 -17.57 14.10 -14.28
C ALA B 109 -18.44 13.39 -15.31
N GLU B 110 -18.13 13.63 -16.58
CA GLU B 110 -18.81 12.99 -17.70
C GLU B 110 -17.77 12.27 -18.54
N VAL B 111 -17.85 10.95 -18.57
CA VAL B 111 -16.96 10.11 -19.36
C VAL B 111 -17.73 9.65 -20.60
N LYS B 112 -17.26 10.08 -21.77
CA LYS B 112 -17.95 9.75 -23.01
C LYS B 112 -17.01 9.93 -24.19
N PHE B 113 -17.33 9.25 -25.28
CA PHE B 113 -16.58 9.42 -26.52
C PHE B 113 -17.01 10.71 -27.21
N GLU B 114 -16.03 11.42 -27.77
CA GLU B 114 -16.28 12.63 -28.55
C GLU B 114 -15.43 12.52 -29.83
N GLY B 115 -15.85 11.65 -30.74
CA GLY B 115 -15.18 11.50 -32.03
C GLY B 115 -14.29 10.29 -32.10
N ASP B 116 -12.99 10.49 -31.87
CA ASP B 116 -12.02 9.40 -31.83
C ASP B 116 -11.35 9.29 -30.46
N THR B 117 -11.89 9.97 -29.45
CA THR B 117 -11.22 10.11 -28.17
C THR B 117 -12.21 9.97 -27.03
N LEU B 118 -11.79 9.24 -26.00
CA LEU B 118 -12.55 9.10 -24.76
C LEU B 118 -12.22 10.27 -23.86
N VAL B 119 -13.24 11.04 -23.47
CA VAL B 119 -13.04 12.30 -22.74
C VAL B 119 -13.66 12.18 -21.37
N ASN B 120 -12.87 12.53 -20.34
CA ASN B 120 -13.32 12.58 -18.96
C ASN B 120 -13.19 14.03 -18.50
N ARG B 121 -14.31 14.76 -18.47
CA ARG B 121 -14.32 16.16 -18.06
C ARG B 121 -14.92 16.26 -16.66
N ILE B 122 -14.18 16.89 -15.75
CA ILE B 122 -14.50 16.88 -14.32
C ILE B 122 -14.64 18.30 -13.82
N GLU B 123 -15.40 18.42 -12.74
CA GLU B 123 -15.49 19.62 -11.91
C GLU B 123 -15.35 19.19 -10.45
N LEU B 124 -14.37 19.76 -9.76
CA LEU B 124 -14.03 19.36 -8.40
C LEU B 124 -14.16 20.57 -7.49
N LYS B 125 -14.63 20.34 -6.26
CA LYS B 125 -14.78 21.41 -5.28
C LYS B 125 -14.42 20.85 -3.90
N GLY B 126 -13.39 21.43 -3.29
CA GLY B 126 -12.93 21.01 -1.97
C GLY B 126 -13.25 22.06 -0.93
N ILE B 127 -13.49 21.61 0.30
CA ILE B 127 -13.89 22.50 1.39
C ILE B 127 -13.43 21.89 2.71
N ASP B 128 -13.32 22.74 3.73
CA ASP B 128 -13.11 22.31 5.11
C ASP B 128 -11.75 21.66 5.33
N PHE B 129 -10.74 22.06 4.58
CA PHE B 129 -9.40 21.52 4.75
C PHE B 129 -8.60 22.37 5.73
N LYS B 130 -7.62 21.73 6.38
CA LYS B 130 -6.73 22.42 7.32
C LYS B 130 -5.51 22.94 6.57
N GLU B 131 -5.32 24.27 6.59
CA GLU B 131 -4.25 24.89 5.82
C GLU B 131 -2.86 24.45 6.28
N ASP B 132 -2.76 23.72 7.39
CA ASP B 132 -1.52 23.12 7.82
C ASP B 132 -1.58 21.59 7.84
N GLY B 133 -2.72 21.02 7.45
CA GLY B 133 -2.88 19.59 7.42
C GLY B 133 -2.08 18.94 6.31
N ASN B 134 -2.30 17.64 6.15
CA ASN B 134 -1.47 16.86 5.24
C ASN B 134 -1.74 17.21 3.79
N ILE B 135 -2.96 17.63 3.45
CA ILE B 135 -3.31 17.87 2.06
C ILE B 135 -2.73 19.22 1.64
N LEU B 136 -3.26 20.31 2.20
CA LEU B 136 -2.78 21.64 1.84
C LEU B 136 -1.37 21.91 2.34
N GLY B 137 -0.88 21.10 3.28
CA GLY B 137 0.49 21.19 3.71
C GLY B 137 1.47 20.42 2.85
N HIS B 138 0.99 19.82 1.75
CA HIS B 138 1.82 19.06 0.83
C HIS B 138 2.73 18.09 1.59
N LYS B 139 2.08 17.23 2.39
CA LYS B 139 2.77 16.26 3.23
C LYS B 139 2.65 14.84 2.70
N LEU B 140 2.19 14.66 1.46
CA LEU B 140 1.90 13.34 0.91
C LEU B 140 3.07 12.85 0.08
N GLU B 141 3.47 11.60 0.32
CA GLU B 141 4.47 10.97 -0.55
C GLU B 141 3.93 10.86 -1.96
N TYR B 142 4.81 11.11 -2.94
CA TYR B 142 4.45 11.03 -4.36
C TYR B 142 4.49 9.55 -4.76
N ASN B 143 3.47 8.83 -4.33
CA ASN B 143 3.35 7.41 -4.64
C ASN B 143 1.89 7.01 -4.52
N TYR B 144 1.60 5.76 -4.88
CA TYR B 144 0.25 5.22 -4.78
C TYR B 144 0.34 3.75 -4.48
N ASN B 145 -0.67 3.25 -3.78
CA ASN B 145 -0.77 1.84 -3.42
C ASN B 145 -1.85 1.18 -4.28
N SER B 146 -2.15 -0.08 -3.96
CA SER B 146 -3.13 -0.87 -4.69
C SER B 146 -4.36 -1.08 -3.83
N HIS B 147 -5.55 -0.97 -4.45
CA HIS B 147 -6.80 -1.03 -3.72
C HIS B 147 -7.82 -1.89 -4.48
N ASN B 148 -8.85 -2.30 -3.75
CA ASN B 148 -10.00 -3.00 -4.31
C ASN B 148 -11.17 -2.03 -4.41
N VAL B 149 -11.72 -1.89 -5.62
CA VAL B 149 -12.85 -1.02 -5.88
C VAL B 149 -14.11 -1.89 -5.94
N TYR B 150 -15.03 -1.65 -5.01
CA TYR B 150 -16.19 -2.52 -4.80
C TYR B 150 -17.40 -1.93 -5.53
N ILE B 151 -17.89 -2.66 -6.52
CA ILE B 151 -19.02 -2.23 -7.36
C ILE B 151 -20.28 -2.98 -6.95
N MET B 152 -21.42 -2.28 -7.01
CA MET B 152 -22.70 -2.85 -6.63
C MET B 152 -23.80 -2.18 -7.46
N ALA B 153 -24.80 -2.98 -7.85
CA ALA B 153 -25.88 -2.46 -8.68
C ALA B 153 -26.75 -1.50 -7.88
N ASP B 154 -26.97 -0.30 -8.43
CA ASP B 154 -27.84 0.70 -7.82
C ASP B 154 -29.23 0.53 -8.41
N LYS B 155 -30.10 -0.16 -7.67
CA LYS B 155 -31.40 -0.52 -8.21
C LYS B 155 -32.30 0.71 -8.38
N GLN B 156 -32.30 1.62 -7.40
CA GLN B 156 -33.12 2.81 -7.49
C GLN B 156 -32.88 3.54 -8.81
N LYS B 157 -31.62 3.80 -9.15
CA LYS B 157 -31.28 4.41 -10.43
C LYS B 157 -31.25 3.34 -11.51
N ASN B 158 -30.51 3.61 -12.59
CA ASN B 158 -30.19 2.61 -13.61
C ASN B 158 -28.68 2.42 -13.70
N GLY B 159 -27.96 2.59 -12.58
CA GLY B 159 -26.51 2.60 -12.58
C GLY B 159 -25.94 1.71 -11.49
N ILE B 160 -24.86 2.20 -10.86
CA ILE B 160 -24.09 1.44 -9.90
C ILE B 160 -23.64 2.35 -8.76
N LYS B 161 -23.38 1.73 -7.61
CA LYS B 161 -22.75 2.38 -6.48
C LYS B 161 -21.38 1.76 -6.24
N VAL B 162 -20.39 2.59 -5.95
CA VAL B 162 -19.01 2.14 -5.83
C VAL B 162 -18.39 2.80 -4.60
N ASN B 163 -17.56 2.03 -3.89
CA ASN B 163 -16.90 2.55 -2.70
C ASN B 163 -15.59 1.80 -2.46
N PHE B 164 -14.66 2.48 -1.81
CA PHE B 164 -13.33 1.97 -1.51
C PHE B 164 -12.60 3.04 -0.71
N LYS B 165 -11.54 2.63 -0.01
CA LYS B 165 -10.74 3.53 0.81
C LYS B 165 -9.32 3.56 0.28
N ILE B 166 -8.82 4.77 -0.01
CA ILE B 166 -7.47 4.97 -0.51
C ILE B 166 -6.54 5.22 0.67
N ARG B 167 -5.30 4.76 0.54
CA ARG B 167 -4.27 4.93 1.57
C ARG B 167 -3.16 5.79 0.98
N HIS B 168 -3.21 7.09 1.24
CA HIS B 168 -2.18 8.02 0.82
C HIS B 168 -1.06 8.03 1.86
N ASN B 169 0.12 7.56 1.49
CA ASN B 169 1.23 7.51 2.42
C ASN B 169 1.74 8.92 2.71
N ILE B 170 2.26 9.10 3.93
CA ILE B 170 2.64 10.42 4.44
C ILE B 170 4.14 10.46 4.67
N GLU B 171 4.72 11.66 4.55
CA GLU B 171 6.17 11.79 4.58
C GLU B 171 6.73 11.33 5.92
N ASP B 172 5.94 11.36 6.99
CA ASP B 172 6.41 10.94 8.31
C ASP B 172 6.27 9.44 8.54
N GLY B 173 5.76 8.69 7.58
CA GLY B 173 5.59 7.25 7.72
C GLY B 173 4.21 6.80 8.11
N SER B 174 3.29 7.73 8.37
CA SER B 174 1.91 7.39 8.71
C SER B 174 1.11 7.18 7.42
N VAL B 175 -0.21 7.05 7.56
CA VAL B 175 -1.10 6.83 6.44
C VAL B 175 -2.36 7.66 6.63
N HIS B 176 -2.80 8.33 5.57
CA HIS B 176 -4.02 9.13 5.58
C HIS B 176 -5.06 8.41 4.72
N LEU B 177 -6.19 8.08 5.34
CA LEU B 177 -7.26 7.37 4.64
C LEU B 177 -8.20 8.36 3.96
N ALA B 178 -8.60 8.04 2.73
CA ALA B 178 -9.52 8.86 1.96
C ALA B 178 -10.69 7.98 1.53
N ASP B 179 -11.80 8.08 2.26
CA ASP B 179 -12.97 7.26 1.97
C ASP B 179 -13.65 7.75 0.70
N HIS B 180 -13.84 6.84 -0.26
CA HIS B 180 -14.42 7.16 -1.56
C HIS B 180 -15.84 6.60 -1.64
N TYR B 181 -16.78 7.46 -2.05
CA TYR B 181 -18.16 7.04 -2.32
C TYR B 181 -18.55 7.58 -3.68
N GLN B 182 -19.05 6.70 -4.56
CA GLN B 182 -19.09 6.97 -5.98
C GLN B 182 -20.41 6.50 -6.57
N GLN B 183 -20.98 7.31 -7.47
CA GLN B 183 -22.19 6.97 -8.21
C GLN B 183 -21.89 7.07 -9.70
N ASN B 184 -22.41 6.10 -10.47
CA ASN B 184 -22.33 6.13 -11.92
C ASN B 184 -23.72 5.87 -12.48
N THR B 185 -24.13 6.71 -13.44
CA THR B 185 -25.40 6.55 -14.13
C THR B 185 -25.16 6.87 -15.60
N PRO B 186 -25.84 6.18 -16.51
CA PRO B 186 -25.57 6.37 -17.94
C PRO B 186 -26.17 7.67 -18.47
N ILE B 187 -25.63 8.10 -19.60
CA ILE B 187 -26.11 9.29 -20.28
C ILE B 187 -27.18 8.96 -21.31
N GLY B 188 -26.92 7.96 -22.14
CA GLY B 188 -27.90 7.52 -23.12
C GLY B 188 -29.12 6.92 -22.46
N ASP B 189 -30.08 6.55 -23.29
CA ASP B 189 -31.28 5.86 -22.84
C ASP B 189 -31.24 4.36 -23.16
N GLY B 190 -30.22 3.91 -23.87
CA GLY B 190 -30.11 2.51 -24.24
C GLY B 190 -29.86 1.63 -23.04
N PRO B 191 -30.26 0.35 -23.14
CA PRO B 191 -30.07 -0.57 -22.00
C PRO B 191 -28.58 -0.76 -21.68
N VAL B 192 -28.31 -0.90 -20.39
CA VAL B 192 -26.95 -1.13 -19.90
C VAL B 192 -26.89 -2.46 -19.18
N LEU B 193 -25.73 -2.80 -18.63
CA LEU B 193 -25.54 -4.01 -17.85
C LEU B 193 -25.48 -3.64 -16.37
N LEU B 194 -26.46 -4.12 -15.60
CA LEU B 194 -26.42 -3.95 -14.15
C LEU B 194 -25.66 -5.13 -13.55
N PRO B 195 -24.57 -4.92 -12.82
CA PRO B 195 -23.68 -6.03 -12.47
C PRO B 195 -23.97 -6.66 -11.12
N ASP B 196 -23.74 -7.96 -11.01
CA ASP B 196 -23.64 -8.59 -9.70
C ASP B 196 -22.50 -7.98 -8.92
N ASN B 197 -22.60 -8.05 -7.60
CA ASN B 197 -21.54 -7.56 -6.74
C ASN B 197 -20.19 -8.13 -7.16
N HIS B 198 -19.23 -7.24 -7.36
CA HIS B 198 -17.87 -7.64 -7.74
C HIS B 198 -16.95 -6.47 -7.39
N TYR B 199 -15.66 -6.62 -7.76
CA TYR B 199 -14.69 -5.58 -7.45
C TYR B 199 -13.64 -5.50 -8.55
N LEU B 200 -12.90 -4.39 -8.55
CA LEU B 200 -11.80 -4.16 -9.47
C LEU B 200 -10.51 -4.10 -8.68
N SER B 201 -9.53 -4.92 -9.08
CA SER B 201 -8.20 -4.89 -8.49
C SER B 201 -7.40 -3.78 -9.14
N THR B 202 -7.08 -2.74 -8.38
CA THR B 202 -6.42 -1.55 -8.92
C THR B 202 -4.97 -1.48 -8.44
N GLN B 203 -4.09 -1.05 -9.34
CA GLN B 203 -2.69 -0.77 -9.03
C GLN B 203 -2.29 0.48 -9.78
N SER B 204 -1.49 1.32 -9.13
CA SER B 204 -1.15 2.62 -9.69
C SER B 204 0.29 2.96 -9.35
N ALA B 205 0.95 3.67 -10.26
CA ALA B 205 2.33 4.09 -10.08
C ALA B 205 2.50 5.48 -10.68
N LEU B 206 2.94 6.42 -9.85
CA LEU B 206 3.15 7.80 -10.27
C LEU B 206 4.61 8.02 -10.62
N SER B 207 4.84 8.72 -11.72
CA SER B 207 6.19 8.94 -12.25
C SER B 207 6.35 10.42 -12.60
N LYS B 208 7.53 10.75 -13.10
CA LYS B 208 7.86 12.12 -13.48
C LYS B 208 8.63 12.08 -14.80
N ASP B 209 8.22 12.93 -15.75
CA ASP B 209 8.94 13.11 -17.00
C ASP B 209 10.11 14.07 -16.77
N PRO B 210 11.36 13.60 -16.83
CA PRO B 210 12.49 14.51 -16.59
C PRO B 210 12.61 15.61 -17.63
N ASN B 211 11.93 15.47 -18.77
CA ASN B 211 11.91 16.49 -19.81
C ASN B 211 10.82 17.54 -19.57
N GLU B 212 10.21 17.53 -18.40
CA GLU B 212 9.02 18.32 -18.11
C GLU B 212 9.37 19.41 -17.11
N LYS B 213 9.02 20.65 -17.46
CA LYS B 213 9.34 21.80 -16.62
C LYS B 213 8.20 22.23 -15.70
N ARG B 214 6.95 22.05 -16.12
CA ARG B 214 5.82 22.48 -15.32
C ARG B 214 5.49 21.43 -14.27
N ASP B 215 4.73 21.85 -13.26
CA ASP B 215 4.21 20.91 -12.27
C ASP B 215 3.29 19.90 -12.97
N HIS B 216 3.60 18.62 -12.84
CA HIS B 216 2.92 17.60 -13.62
C HIS B 216 2.91 16.28 -12.87
N MET B 217 2.17 15.33 -13.44
CA MET B 217 2.13 13.95 -12.95
C MET B 217 2.03 13.02 -14.15
N VAL B 218 2.80 11.93 -14.10
CA VAL B 218 2.65 10.83 -15.05
C VAL B 218 2.04 9.67 -14.29
N LEU B 219 0.89 9.19 -14.75
CA LEU B 219 0.12 8.18 -14.06
C LEU B 219 0.01 6.94 -14.95
N LEU B 220 0.28 5.78 -14.36
CA LEU B 220 0.08 4.51 -15.03
C LEU B 220 -0.75 3.63 -14.11
N GLU B 221 -1.77 2.98 -14.68
CA GLU B 221 -2.76 2.23 -13.90
C GLU B 221 -2.99 0.87 -14.52
N PHE B 222 -3.03 -0.17 -13.67
CA PHE B 222 -3.44 -1.51 -14.06
C PHE B 222 -4.69 -1.86 -13.27
N VAL B 223 -5.76 -2.23 -13.99
CA VAL B 223 -7.05 -2.52 -13.37
C VAL B 223 -7.61 -3.79 -13.98
N THR B 224 -7.95 -4.76 -13.13
CA THR B 224 -8.57 -6.02 -13.54
C THR B 224 -9.76 -6.30 -12.64
N ALA B 225 -10.85 -6.76 -13.24
CA ALA B 225 -12.06 -7.05 -12.49
C ALA B 225 -12.00 -8.45 -11.88
N ALA B 226 -12.71 -8.63 -10.78
CA ALA B 226 -12.70 -9.90 -10.05
C ALA B 226 -13.94 -9.95 -9.17
N GLY B 227 -14.20 -11.15 -8.63
CA GLY B 227 -15.26 -11.30 -7.64
C GLY B 227 -16.24 -12.43 -7.90
N ILE B 228 -16.27 -12.96 -9.13
CA ILE B 228 -17.20 -14.03 -9.47
C ILE B 228 -16.40 -15.31 -9.68
N THR B 229 -17.12 -16.44 -9.59
CA THR B 229 -16.57 -17.75 -9.87
C THR B 229 -17.33 -18.35 -11.05
N HIS B 230 -16.59 -19.04 -11.92
CA HIS B 230 -17.15 -19.56 -13.17
C HIS B 230 -18.47 -20.28 -12.93
N ASP C 5 37.55 -23.38 15.89
CA ASP C 5 37.13 -22.08 16.49
C ASP C 5 35.65 -21.84 16.21
N VAL C 6 35.12 -20.72 16.72
CA VAL C 6 33.69 -20.44 16.66
C VAL C 6 33.52 -18.99 16.21
N GLN C 7 32.39 -18.73 15.55
CA GLN C 7 32.08 -17.39 15.04
C GLN C 7 30.61 -17.10 15.25
N LEU C 8 30.31 -15.86 15.63
CA LEU C 8 28.96 -15.36 15.77
C LEU C 8 28.71 -14.35 14.67
N VAL C 9 27.75 -14.63 13.79
CA VAL C 9 27.46 -13.76 12.66
C VAL C 9 26.19 -12.98 12.99
N GLU C 10 26.34 -11.68 13.23
CA GLU C 10 25.19 -10.82 13.38
C GLU C 10 24.57 -10.53 12.01
N SER C 11 23.37 -9.95 12.03
CA SER C 11 22.71 -9.54 10.80
C SER C 11 21.44 -8.80 11.18
N GLY C 12 20.88 -8.10 10.20
CA GLY C 12 19.57 -7.50 10.37
C GLY C 12 19.54 -6.21 11.15
N GLY C 13 20.65 -5.48 11.21
CA GLY C 13 20.59 -4.14 11.77
C GLY C 13 19.88 -3.22 10.81
N GLY C 14 20.23 -1.94 10.82
CA GLY C 14 19.76 -1.07 9.77
C GLY C 14 19.40 0.34 10.20
N LEU C 15 18.45 0.92 9.48
CA LEU C 15 18.10 2.32 9.61
C LEU C 15 16.58 2.42 9.64
N VAL C 16 16.04 3.16 10.60
CA VAL C 16 14.60 3.20 10.80
C VAL C 16 14.21 4.55 11.37
N GLN C 17 13.06 5.06 10.93
CA GLN C 17 12.51 6.28 11.48
C GLN C 17 11.98 6.01 12.90
N PRO C 18 11.99 7.02 13.76
CA PRO C 18 11.50 6.82 15.14
C PRO C 18 10.15 6.12 15.17
N GLY C 19 9.88 5.44 16.27
CA GLY C 19 8.66 4.67 16.45
C GLY C 19 8.62 3.37 15.68
N GLY C 20 9.54 3.14 14.75
CA GLY C 20 9.53 1.94 13.94
C GLY C 20 10.09 0.74 14.68
N SER C 21 10.41 -0.30 13.92
CA SER C 21 10.87 -1.56 14.48
C SER C 21 12.02 -2.10 13.64
N LEU C 22 12.91 -2.84 14.31
CA LEU C 22 14.06 -3.47 13.66
C LEU C 22 14.34 -4.78 14.38
N ARG C 23 14.94 -5.72 13.65
CA ARG C 23 15.17 -7.08 14.16
C ARG C 23 16.63 -7.44 13.96
N LEU C 24 17.36 -7.59 15.06
CA LEU C 24 18.71 -8.13 15.03
C LEU C 24 18.67 -9.64 15.15
N SER C 25 19.64 -10.30 14.53
CA SER C 25 19.70 -11.75 14.53
C SER C 25 21.15 -12.19 14.60
N CYS C 26 21.39 -13.29 15.32
CA CYS C 26 22.72 -13.81 15.54
C CYS C 26 22.66 -15.33 15.50
N GLU C 27 23.62 -15.94 14.82
CA GLU C 27 23.70 -17.39 14.66
C GLU C 27 25.09 -17.86 15.05
N ALA C 28 25.14 -18.79 16.00
CA ALA C 28 26.38 -19.41 16.43
C ALA C 28 26.67 -20.62 15.56
N SER C 29 27.85 -20.66 14.96
CA SER C 29 28.26 -21.75 14.08
C SER C 29 29.63 -22.27 14.54
N GLY C 30 29.85 -23.55 14.31
CA GLY C 30 31.06 -24.16 14.82
C GLY C 30 31.01 -24.28 16.34
N GLY C 31 32.19 -24.44 16.92
CA GLY C 31 32.28 -24.58 18.37
C GLY C 31 32.23 -26.02 18.82
N ALA C 32 32.94 -26.29 19.92
CA ALA C 32 33.00 -27.63 20.47
C ALA C 32 31.88 -27.92 21.46
N PHE C 33 31.20 -26.90 21.98
CA PHE C 33 30.25 -27.13 23.05
C PHE C 33 28.93 -26.43 22.75
N SER C 34 27.85 -26.94 23.35
CA SER C 34 26.48 -26.53 23.03
C SER C 34 26.10 -25.30 23.84
N THR C 35 25.22 -24.48 23.25
CA THR C 35 24.90 -23.18 23.80
C THR C 35 24.08 -23.30 25.09
N VAL C 36 24.31 -22.35 25.99
CA VAL C 36 23.66 -22.33 27.30
C VAL C 36 22.84 -21.05 27.44
N ALA C 37 23.31 -19.96 26.84
CA ALA C 37 22.59 -18.69 26.87
C ALA C 37 23.18 -17.76 25.84
N MET C 38 22.33 -16.88 25.30
CA MET C 38 22.74 -15.87 24.33
C MET C 38 22.16 -14.52 24.74
N GLY C 39 22.93 -13.46 24.49
CA GLY C 39 22.53 -12.13 24.89
C GLY C 39 22.92 -11.09 23.87
N TRP C 40 22.33 -9.91 24.02
CA TRP C 40 22.62 -8.75 23.18
C TRP C 40 23.11 -7.61 24.07
N PHE C 41 24.21 -6.99 23.66
CA PHE C 41 24.71 -5.76 24.29
C PHE C 41 24.72 -4.65 23.25
N ARG C 42 24.96 -3.44 23.71
CA ARG C 42 25.00 -2.29 22.81
C ARG C 42 25.94 -1.24 23.37
N GLN C 43 26.61 -0.52 22.46
CA GLN C 43 27.52 0.55 22.84
C GLN C 43 27.47 1.65 21.80
N ALA C 44 27.33 2.89 22.27
CA ALA C 44 27.47 4.06 21.41
C ALA C 44 28.90 4.58 21.47
N PRO C 45 29.32 5.34 20.46
CA PRO C 45 30.69 5.86 20.46
C PRO C 45 30.97 6.70 21.69
N GLY C 46 32.14 6.47 22.30
CA GLY C 46 32.54 7.22 23.47
C GLY C 46 31.67 7.00 24.69
N LYS C 47 30.88 5.94 24.69
CA LYS C 47 30.02 5.61 25.83
C LYS C 47 30.27 4.15 26.20
N GLU C 48 29.59 3.71 27.25
CA GLU C 48 29.92 2.48 27.94
C GLU C 48 28.95 1.36 27.60
N ARG C 49 29.49 0.16 27.40
CA ARG C 49 28.69 -1.01 27.01
C ARG C 49 27.48 -1.16 27.92
N GLU C 50 26.34 -1.48 27.31
CA GLU C 50 25.07 -1.64 28.02
C GLU C 50 24.49 -3.00 27.71
N PHE C 51 23.98 -3.67 28.74
CA PHE C 51 23.27 -4.92 28.52
C PHE C 51 21.85 -4.64 28.05
N VAL C 52 21.42 -5.36 27.01
CA VAL C 52 20.11 -5.17 26.39
C VAL C 52 19.16 -6.30 26.76
N GLY C 53 19.56 -7.55 26.52
CA GLY C 53 18.70 -8.68 26.79
C GLY C 53 19.44 -9.98 26.60
N ALA C 54 18.81 -11.07 27.04
CA ALA C 54 19.42 -12.39 27.00
C ALA C 54 18.33 -13.44 27.14
N ILE C 55 18.72 -14.70 26.95
CA ILE C 55 17.79 -15.82 26.98
C ILE C 55 18.58 -17.09 27.26
N THR C 56 18.03 -17.94 28.12
CA THR C 56 18.65 -19.23 28.43
C THR C 56 18.23 -20.27 27.41
N TRP C 57 19.19 -21.08 26.97
CA TRP C 57 18.95 -21.94 25.82
C TRP C 57 18.01 -23.09 26.15
N THR C 58 18.19 -23.72 27.32
CA THR C 58 17.35 -24.87 27.66
C THR C 58 16.00 -24.42 28.21
N ALA C 59 16.01 -23.57 29.24
CA ALA C 59 14.76 -23.14 29.87
C ALA C 59 13.98 -22.16 29.00
N GLY C 60 14.68 -21.30 28.26
CA GLY C 60 14.01 -20.31 27.45
C GLY C 60 13.51 -19.10 28.19
N SER C 61 14.01 -18.85 29.40
CA SER C 61 13.56 -17.72 30.20
C SER C 61 14.29 -16.45 29.78
N THR C 62 13.54 -15.38 29.55
CA THR C 62 14.08 -14.14 29.02
C THR C 62 14.41 -13.15 30.13
N TYR C 63 15.46 -12.37 29.91
CA TYR C 63 15.92 -11.35 30.85
C TYR C 63 16.22 -10.08 30.06
N TYR C 64 15.56 -8.97 30.42
CA TYR C 64 15.71 -7.72 29.70
C TYR C 64 16.28 -6.64 30.62
N ALA C 65 16.90 -5.63 30.00
CA ALA C 65 17.30 -4.43 30.71
C ALA C 65 16.08 -3.53 30.93
N ASP C 66 16.24 -2.57 31.83
CA ASP C 66 15.13 -1.68 32.17
C ASP C 66 14.64 -0.91 30.94
N SER C 67 15.58 -0.37 30.16
CA SER C 67 15.24 0.43 28.98
C SER C 67 14.59 -0.38 27.86
N ALA C 68 14.44 -1.69 28.01
CA ALA C 68 14.00 -2.54 26.93
C ALA C 68 12.72 -3.33 27.21
N LYS C 69 12.33 -3.48 28.47
CA LYS C 69 11.17 -4.31 28.79
C LYS C 69 9.92 -3.79 28.08
N GLY C 70 9.14 -4.73 27.56
CA GLY C 70 7.91 -4.39 26.86
C GLY C 70 8.12 -4.09 25.39
N ARG C 71 9.17 -3.31 25.08
CA ARG C 71 9.44 -2.96 23.70
C ARG C 71 10.15 -4.09 22.96
N PHE C 72 11.17 -4.67 23.58
CA PHE C 72 12.04 -5.64 22.93
C PHE C 72 11.60 -7.05 23.27
N THR C 73 11.88 -7.98 22.35
CA THR C 73 11.37 -9.35 22.44
C THR C 73 12.43 -10.29 21.87
N ILE C 74 13.07 -11.06 22.76
CA ILE C 74 14.15 -11.96 22.37
C ILE C 74 13.62 -13.39 22.33
N SER C 75 14.17 -14.20 21.43
CA SER C 75 13.62 -15.53 21.17
C SER C 75 14.65 -16.37 20.43
N ARG C 76 14.35 -17.67 20.36
CA ARG C 76 15.17 -18.65 19.65
C ARG C 76 14.51 -19.04 18.33
N ASP C 77 15.23 -19.85 17.55
CA ASP C 77 14.72 -20.44 16.31
C ASP C 77 14.92 -21.95 16.36
N ASN C 78 13.87 -22.69 16.71
CA ASN C 78 13.90 -24.15 16.62
C ASN C 78 15.18 -24.71 17.26
N ALA C 79 15.70 -24.02 18.27
CA ALA C 79 17.00 -24.34 18.86
C ALA C 79 18.03 -24.55 17.75
N LYS C 80 17.92 -23.75 16.69
CA LYS C 80 18.79 -23.79 15.52
C LYS C 80 20.06 -23.00 15.72
N ASN C 81 20.51 -22.86 16.97
CA ASN C 81 21.68 -22.04 17.29
C ASN C 81 21.53 -20.62 16.74
N THR C 82 20.28 -20.17 16.61
CA THR C 82 19.97 -18.83 16.13
C THR C 82 19.11 -18.11 17.16
N VAL C 83 19.38 -16.82 17.34
CA VAL C 83 18.68 -15.98 18.31
C VAL C 83 18.27 -14.69 17.62
N HIS C 84 17.11 -14.16 18.01
CA HIS C 84 16.55 -12.96 17.40
C HIS C 84 16.16 -11.97 18.49
N LEU C 85 16.37 -10.69 18.21
CA LEU C 85 15.98 -9.60 19.11
C LEU C 85 15.10 -8.63 18.32
N GLN C 86 13.79 -8.74 18.49
CA GLN C 86 12.85 -7.84 17.84
C GLN C 86 12.68 -6.59 18.71
N MET C 87 12.95 -5.43 18.13
CA MET C 87 12.81 -4.15 18.81
C MET C 87 11.62 -3.40 18.21
N ASN C 88 10.67 -3.02 19.06
CA ASN C 88 9.55 -2.21 18.66
C ASN C 88 9.62 -0.86 19.36
N SER C 89 8.88 0.11 18.82
CA SER C 89 8.82 1.46 19.39
C SER C 89 10.24 1.99 19.62
N LEU C 90 11.06 1.91 18.57
CA LEU C 90 12.45 2.35 18.68
C LEU C 90 12.51 3.86 18.89
N LYS C 91 13.72 4.37 19.01
CA LYS C 91 13.91 5.74 19.49
C LYS C 91 15.31 6.19 19.13
N PRO C 92 15.58 7.50 19.18
CA PRO C 92 16.91 7.99 18.78
C PRO C 92 18.03 7.57 19.72
N GLU C 93 17.81 7.66 21.03
CA GLU C 93 18.87 7.29 21.98
C GLU C 93 19.11 5.79 22.03
N ASP C 94 18.31 4.99 21.34
CA ASP C 94 18.60 3.58 21.15
C ASP C 94 19.62 3.34 20.04
N THR C 95 20.05 4.40 19.36
CA THR C 95 21.10 4.27 18.36
C THR C 95 22.39 3.78 19.00
N ALA C 96 23.02 2.79 18.38
CA ALA C 96 24.28 2.23 18.89
C ALA C 96 24.71 1.02 18.07
N VAL C 97 25.90 0.50 18.34
CA VAL C 97 26.34 -0.77 17.78
C VAL C 97 25.86 -1.88 18.70
N TYR C 98 25.23 -2.90 18.13
CA TYR C 98 24.62 -3.97 18.90
C TYR C 98 25.44 -5.25 18.73
N TYR C 99 25.86 -5.82 19.85
CA TYR C 99 26.71 -7.01 19.88
C TYR C 99 25.91 -8.20 20.36
N CYS C 100 26.05 -9.32 19.66
CA CYS C 100 25.52 -10.59 20.14
C CYS C 100 26.61 -11.34 20.91
N ALA C 101 26.23 -11.93 22.03
CA ALA C 101 27.16 -12.64 22.89
C ALA C 101 26.60 -13.99 23.26
N GLN C 102 27.49 -14.96 23.48
CA GLN C 102 27.12 -16.35 23.69
C GLN C 102 27.85 -16.90 24.90
N ARG C 103 27.16 -17.72 25.68
CA ARG C 103 27.75 -18.45 26.80
C ARG C 103 27.53 -19.93 26.55
N VAL C 104 28.64 -20.67 26.47
CA VAL C 104 28.58 -22.11 26.21
C VAL C 104 28.92 -22.93 27.45
N ARG C 105 29.54 -22.33 28.48
CA ARG C 105 29.75 -23.06 29.72
C ARG C 105 28.45 -23.21 30.48
N GLY C 106 28.50 -24.05 31.52
CA GLY C 106 27.41 -24.12 32.45
C GLY C 106 27.52 -23.04 33.52
N PHE C 107 26.42 -22.83 34.23
CA PHE C 107 26.38 -21.81 35.26
C PHE C 107 25.38 -22.22 36.33
N PHE C 108 25.59 -21.71 37.54
CA PHE C 108 24.67 -21.92 38.65
C PHE C 108 24.16 -20.57 39.13
N GLY C 109 22.85 -20.39 39.14
CA GLY C 109 22.23 -19.18 39.65
C GLY C 109 21.47 -18.45 38.57
N PRO C 110 21.24 -17.16 38.77
CA PRO C 110 20.55 -16.37 37.76
C PRO C 110 21.47 -16.00 36.62
N LEU C 111 20.87 -15.77 35.46
CA LEU C 111 21.60 -15.21 34.33
C LEU C 111 22.18 -13.86 34.73
N ARG C 112 23.51 -13.74 34.70
CA ARG C 112 24.15 -12.47 34.99
C ARG C 112 24.29 -11.65 33.71
N THR C 113 24.41 -10.33 33.89
CA THR C 113 24.42 -9.39 32.77
C THR C 113 25.79 -8.74 32.57
N THR C 114 26.85 -9.28 33.16
CA THR C 114 28.14 -8.65 32.96
C THR C 114 28.80 -9.21 31.70
N PRO C 115 29.51 -8.39 30.92
CA PRO C 115 30.13 -8.91 29.69
C PRO C 115 31.02 -10.12 29.90
N SER C 116 31.76 -10.18 31.01
CA SER C 116 32.66 -11.31 31.22
C SER C 116 31.91 -12.64 31.20
N TRP C 117 30.64 -12.63 31.63
CA TRP C 117 29.86 -13.85 31.68
C TRP C 117 29.84 -14.56 30.33
N TYR C 118 29.83 -13.79 29.24
CA TYR C 118 29.67 -14.33 27.90
C TYR C 118 31.03 -14.52 27.24
N GLU C 119 31.26 -15.75 26.74
CA GLU C 119 32.57 -16.14 26.21
C GLU C 119 32.85 -15.54 24.84
N TYR C 120 31.84 -15.57 23.97
CA TYR C 120 32.03 -15.42 22.53
C TYR C 120 31.19 -14.24 22.07
N TRP C 121 31.82 -13.29 21.38
CA TRP C 121 31.18 -12.04 21.02
C TRP C 121 31.16 -11.86 19.50
N GLY C 122 30.06 -11.30 19.00
CA GLY C 122 29.98 -10.91 17.60
C GLY C 122 30.73 -9.63 17.32
N GLN C 123 30.78 -9.25 16.04
CA GLN C 123 31.55 -8.08 15.65
C GLN C 123 30.77 -6.79 15.81
N GLY C 124 29.46 -6.88 15.94
CA GLY C 124 28.65 -5.70 16.12
C GLY C 124 27.89 -5.37 14.85
N THR C 125 26.71 -4.79 15.04
CA THR C 125 25.86 -4.41 13.93
C THR C 125 25.27 -3.03 14.21
N GLN C 126 25.25 -2.20 13.17
CA GLN C 126 24.84 -0.81 13.30
C GLN C 126 23.33 -0.68 13.32
N VAL C 127 22.80 -0.04 14.36
CA VAL C 127 21.38 0.32 14.44
C VAL C 127 21.31 1.83 14.62
N THR C 128 20.65 2.50 13.68
CA THR C 128 20.55 3.95 13.68
C THR C 128 19.09 4.37 13.56
N VAL C 129 18.67 5.29 14.42
CA VAL C 129 17.32 5.83 14.44
C VAL C 129 17.41 7.32 14.18
N SER C 130 16.77 7.79 13.12
CA SER C 130 16.85 9.19 12.73
C SER C 130 15.59 9.59 11.98
N GLY C 131 15.34 10.90 11.93
CA GLY C 131 14.18 11.42 11.26
C GLY C 131 14.31 11.38 9.75
N ASP D 5 -37.91 22.14 -1.15
CA ASP D 5 -38.71 22.22 0.11
C ASP D 5 -39.74 21.10 0.19
N VAL D 6 -39.41 19.97 0.82
CA VAL D 6 -38.10 19.64 1.38
C VAL D 6 -37.71 18.26 0.91
N GLN D 7 -36.40 18.03 0.81
CA GLN D 7 -35.86 16.75 0.37
C GLN D 7 -34.64 16.40 1.21
N LEU D 8 -34.52 15.12 1.53
CA LEU D 8 -33.36 14.57 2.23
C LEU D 8 -32.62 13.67 1.25
N VAL D 9 -31.37 14.02 0.95
CA VAL D 9 -30.56 13.27 0.00
C VAL D 9 -29.57 12.43 0.79
N GLU D 10 -29.77 11.11 0.79
CA GLU D 10 -28.79 10.20 1.35
C GLU D 10 -27.62 10.06 0.39
N SER D 11 -26.55 9.45 0.90
CA SER D 11 -25.39 9.15 0.07
C SER D 11 -24.42 8.33 0.92
N GLY D 12 -23.45 7.73 0.23
CA GLY D 12 -22.36 7.09 0.92
C GLY D 12 -22.65 5.71 1.48
N GLY D 13 -23.64 5.01 0.95
CA GLY D 13 -23.81 3.63 1.33
C GLY D 13 -22.71 2.80 0.71
N GLY D 14 -22.99 1.53 0.41
CA GLY D 14 -22.07 0.77 -0.39
C GLY D 14 -21.92 -0.69 -0.01
N LEU D 15 -20.72 -1.22 -0.26
CA LEU D 15 -20.44 -2.63 -0.13
C LEU D 15 -19.10 -2.77 0.57
N VAL D 16 -19.04 -3.63 1.58
CA VAL D 16 -17.86 -3.72 2.43
C VAL D 16 -17.73 -5.14 2.96
N GLN D 17 -16.50 -5.62 3.03
CA GLN D 17 -16.27 -6.93 3.64
C GLN D 17 -16.42 -6.82 5.16
N PRO D 18 -16.80 -7.92 5.82
CA PRO D 18 -17.00 -7.88 7.27
C PRO D 18 -15.82 -7.23 7.99
N GLY D 19 -16.11 -6.67 9.18
CA GLY D 19 -15.13 -5.96 9.96
C GLY D 19 -14.77 -4.58 9.45
N GLY D 20 -15.17 -4.23 8.22
CA GLY D 20 -14.83 -2.94 7.65
C GLY D 20 -15.69 -1.83 8.18
N SER D 21 -15.66 -0.70 7.47
CA SER D 21 -16.34 0.51 7.89
C SER D 21 -17.00 1.17 6.69
N LEU D 22 -18.12 1.85 6.94
CA LEU D 22 -18.85 2.57 5.92
C LEU D 22 -19.47 3.81 6.55
N ARG D 23 -19.69 4.84 5.74
CA ARG D 23 -20.16 6.14 6.23
C ARG D 23 -21.38 6.57 5.42
N LEU D 24 -22.53 6.61 6.08
CA LEU D 24 -23.74 7.18 5.49
C LEU D 24 -23.79 8.68 5.78
N SER D 25 -24.39 9.42 4.85
CA SER D 25 -24.48 10.87 4.99
C SER D 25 -25.80 11.35 4.42
N CYS D 26 -26.37 12.36 5.07
CA CYS D 26 -27.67 12.89 4.72
C CYS D 26 -27.63 14.41 4.87
N GLU D 27 -28.20 15.11 3.89
CA GLU D 27 -28.24 16.57 3.88
C GLU D 27 -29.66 17.03 3.64
N ALA D 28 -30.17 17.85 4.55
CA ALA D 28 -31.48 18.45 4.42
C ALA D 28 -31.36 19.77 3.65
N SER D 29 -32.14 19.89 2.58
CA SER D 29 -32.14 21.08 1.74
C SER D 29 -33.57 21.58 1.57
N GLY D 30 -33.71 22.89 1.42
CA GLY D 30 -35.03 23.47 1.37
C GLY D 30 -35.68 23.42 2.75
N GLY D 31 -37.00 23.56 2.74
CA GLY D 31 -37.74 23.54 3.99
C GLY D 31 -37.95 24.93 4.56
N ALA D 32 -39.07 25.10 5.23
CA ALA D 32 -39.42 26.36 5.84
C ALA D 32 -38.88 26.52 7.25
N PHE D 33 -38.50 25.43 7.92
CA PHE D 33 -38.15 25.53 9.32
C PHE D 33 -36.83 24.82 9.60
N SER D 34 -36.14 25.24 10.66
CA SER D 34 -34.78 24.82 10.97
C SER D 34 -34.77 23.50 11.73
N THR D 35 -33.71 22.73 11.52
CA THR D 35 -33.65 21.37 12.01
C THR D 35 -33.52 21.32 13.54
N VAL D 36 -34.10 20.29 14.13
CA VAL D 36 -34.12 20.11 15.57
C VAL D 36 -33.42 18.81 15.94
N ALA D 37 -33.54 17.80 15.07
CA ALA D 37 -32.88 16.51 15.30
C ALA D 37 -32.90 15.71 14.01
N MET D 38 -31.88 14.88 13.84
CA MET D 38 -31.78 13.99 12.69
C MET D 38 -31.42 12.58 13.17
N GLY D 39 -31.95 11.59 12.47
CA GLY D 39 -31.76 10.21 12.87
C GLY D 39 -31.61 9.29 11.67
N TRP D 40 -31.12 8.09 11.95
CA TRP D 40 -30.97 7.04 10.95
C TRP D 40 -31.77 5.82 11.39
N PHE D 41 -32.55 5.27 10.46
CA PHE D 41 -33.24 4.01 10.65
C PHE D 41 -32.75 3.02 9.61
N ARG D 42 -33.14 1.75 9.78
CA ARG D 42 -32.73 0.71 8.84
C ARG D 42 -33.81 -0.36 8.78
N GLN D 43 -33.95 -0.96 7.60
CA GLN D 43 -34.92 -2.04 7.40
C GLN D 43 -34.38 -3.03 6.39
N ALA D 44 -34.43 -4.31 6.73
CA ALA D 44 -34.12 -5.37 5.79
C ALA D 44 -35.40 -5.86 5.12
N PRO D 45 -35.30 -6.50 3.96
CA PRO D 45 -36.51 -6.98 3.27
C PRO D 45 -37.31 -7.94 4.15
N GLY D 46 -38.63 -7.74 4.17
CA GLY D 46 -39.50 -8.60 4.94
C GLY D 46 -39.29 -8.54 6.43
N LYS D 47 -38.62 -7.50 6.92
CA LYS D 47 -38.38 -7.32 8.34
C LYS D 47 -38.81 -5.91 8.72
N GLU D 48 -38.70 -5.60 10.00
CA GLU D 48 -39.34 -4.44 10.60
C GLU D 48 -38.34 -3.32 10.86
N ARG D 49 -38.77 -2.08 10.56
CA ARG D 49 -37.91 -0.92 10.71
C ARG D 49 -37.26 -0.89 12.09
N GLU D 50 -35.98 -0.54 12.11
CA GLU D 50 -35.18 -0.49 13.33
C GLU D 50 -34.55 0.88 13.48
N PHE D 51 -34.58 1.43 14.69
CA PHE D 51 -33.89 2.67 14.96
C PHE D 51 -32.41 2.40 15.15
N VAL D 52 -31.57 3.22 14.52
CA VAL D 52 -30.12 3.06 14.55
C VAL D 52 -29.47 4.13 15.44
N GLY D 53 -29.75 5.40 15.18
CA GLY D 53 -29.13 6.47 15.93
C GLY D 53 -29.74 7.80 15.57
N ALA D 54 -29.40 8.82 16.36
CA ALA D 54 -29.96 10.15 16.18
C ALA D 54 -29.09 11.15 16.92
N ILE D 55 -29.39 12.44 16.71
CA ILE D 55 -28.60 13.52 17.28
C ILE D 55 -29.45 14.77 17.30
N THR D 56 -29.39 15.51 18.40
CA THR D 56 -30.11 16.77 18.55
C THR D 56 -29.29 17.91 17.94
N TRP D 57 -29.98 18.79 17.19
CA TRP D 57 -29.25 19.76 16.39
C TRP D 57 -28.60 20.84 17.24
N THR D 58 -29.31 21.34 18.25
CA THR D 58 -28.75 22.42 19.06
C THR D 58 -27.79 21.88 20.12
N ALA D 59 -28.25 20.92 20.93
CA ALA D 59 -27.42 20.41 22.01
C ALA D 59 -26.31 19.51 21.49
N GLY D 60 -26.56 18.75 20.43
CA GLY D 60 -25.56 17.83 19.91
C GLY D 60 -25.44 16.53 20.67
N SER D 61 -26.43 16.17 21.48
CA SER D 61 -26.36 14.95 22.27
C SER D 61 -26.78 13.75 21.42
N THR D 62 -25.99 12.69 21.45
CA THR D 62 -26.19 11.53 20.60
C THR D 62 -26.97 10.44 21.33
N TYR D 63 -27.78 9.70 20.56
CA TYR D 63 -28.60 8.61 21.07
C TYR D 63 -28.46 7.44 20.10
N TYR D 64 -28.01 6.29 20.60
CA TYR D 64 -27.79 5.12 19.76
C TYR D 64 -28.68 3.96 20.19
N ALA D 65 -28.93 3.05 19.26
CA ALA D 65 -29.58 1.79 19.57
C ALA D 65 -28.57 0.84 20.22
N ASP D 66 -29.11 -0.22 20.84
CA ASP D 66 -28.24 -1.16 21.55
C ASP D 66 -27.23 -1.80 20.61
N SER D 67 -27.69 -2.23 19.43
CA SER D 67 -26.83 -2.91 18.47
C SER D 67 -25.77 -2.02 17.86
N ALA D 68 -25.73 -0.72 18.20
CA ALA D 68 -24.86 0.23 17.54
C ALA D 68 -23.88 0.95 18.46
N LYS D 69 -24.12 0.95 19.77
CA LYS D 69 -23.26 1.71 20.67
C LYS D 69 -21.81 1.23 20.56
N GLY D 70 -20.89 2.19 20.57
CA GLY D 70 -19.47 1.90 20.47
C GLY D 70 -18.98 1.78 19.04
N ARG D 71 -19.74 1.07 18.21
CA ARG D 71 -19.33 0.87 16.83
C ARG D 71 -19.66 2.09 15.99
N PHE D 72 -20.86 2.62 16.11
CA PHE D 72 -21.37 3.68 15.24
C PHE D 72 -21.17 5.05 15.90
N THR D 73 -21.03 6.06 15.06
CA THR D 73 -20.65 7.40 15.52
C THR D 73 -21.35 8.44 14.64
N ILE D 74 -22.35 9.11 15.20
CA ILE D 74 -23.15 10.08 14.46
C ILE D 74 -22.70 11.49 14.83
N SER D 75 -22.79 12.40 13.86
CA SER D 75 -22.22 13.74 14.03
C SER D 75 -22.81 14.70 13.00
N ARG D 76 -22.56 15.98 13.22
CA ARG D 76 -22.97 17.05 12.33
C ARG D 76 -21.80 17.57 11.50
N ASP D 77 -22.09 18.48 10.58
CA ASP D 77 -21.09 19.18 9.79
C ASP D 77 -21.33 20.67 9.89
N LYS D 80 -24.19 22.51 9.00
CA LYS D 80 -24.43 22.71 7.58
C LYS D 80 -25.64 21.93 7.08
N ASN D 81 -26.60 21.67 7.97
CA ASN D 81 -27.76 20.85 7.62
C ASN D 81 -27.34 19.49 7.07
N THR D 82 -26.16 19.03 7.46
CA THR D 82 -25.63 17.73 7.03
C THR D 82 -25.32 16.88 8.26
N VAL D 83 -25.61 15.59 8.16
CA VAL D 83 -25.41 14.64 9.24
C VAL D 83 -24.70 13.42 8.69
N HIS D 84 -23.83 12.82 9.50
CA HIS D 84 -23.03 11.68 9.09
C HIS D 84 -23.16 10.57 10.13
N LEU D 85 -23.18 9.32 9.65
CA LEU D 85 -23.22 8.14 10.50
C LEU D 85 -22.06 7.24 10.10
N GLN D 86 -20.97 7.29 10.87
CA GLN D 86 -19.82 6.44 10.62
C GLN D 86 -20.02 5.11 11.33
N MET D 87 -19.97 4.02 10.58
CA MET D 87 -20.13 2.67 11.10
C MET D 87 -18.78 1.95 11.04
N ASN D 88 -18.32 1.46 12.18
CA ASN D 88 -17.11 0.66 12.26
C ASN D 88 -17.46 -0.75 12.69
N SER D 89 -16.53 -1.67 12.45
CA SER D 89 -16.71 -3.07 12.82
C SER D 89 -18.06 -3.59 12.33
N LEU D 90 -18.31 -3.38 11.04
CA LEU D 90 -19.57 -3.78 10.45
C LEU D 90 -19.69 -5.30 10.44
N LYS D 91 -20.81 -5.80 9.93
CA LYS D 91 -21.16 -7.20 10.13
C LYS D 91 -22.23 -7.58 9.11
N PRO D 92 -22.46 -8.88 8.90
CA PRO D 92 -23.44 -9.28 7.88
C PRO D 92 -24.87 -8.93 8.25
N GLU D 93 -25.28 -9.17 9.50
CA GLU D 93 -26.66 -8.88 9.89
C GLU D 93 -26.95 -7.40 9.98
N ASP D 94 -25.93 -6.54 9.83
CA ASP D 94 -26.14 -5.10 9.68
C ASP D 94 -26.55 -4.73 8.26
N THR D 95 -26.59 -5.69 7.34
CA THR D 95 -27.07 -5.42 5.99
C THR D 95 -28.53 -4.98 6.02
N ALA D 96 -28.82 -3.91 5.29
CA ALA D 96 -30.18 -3.38 5.22
C ALA D 96 -30.22 -2.07 4.44
N VAL D 97 -31.41 -1.55 4.19
CA VAL D 97 -31.59 -0.22 3.62
C VAL D 97 -31.61 0.77 4.78
N TYR D 98 -30.81 1.83 4.66
CA TYR D 98 -30.65 2.81 5.74
C TYR D 98 -31.33 4.11 5.36
N TYR D 99 -32.24 4.57 6.22
CA TYR D 99 -33.03 5.76 5.97
C TYR D 99 -32.59 6.88 6.90
N CYS D 100 -32.42 8.08 6.35
CA CYS D 100 -32.20 9.27 7.14
C CYS D 100 -33.52 9.96 7.39
N ALA D 101 -33.72 10.41 8.63
CA ALA D 101 -34.97 11.05 9.03
C ALA D 101 -34.67 12.35 9.77
N GLN D 102 -35.58 13.30 9.65
CA GLN D 102 -35.39 14.65 10.16
C GLN D 102 -36.61 15.08 10.95
N ARG D 103 -36.38 15.80 12.05
CA ARG D 103 -37.43 16.42 12.84
C ARG D 103 -37.17 17.92 12.88
N VAL D 104 -38.13 18.69 12.39
CA VAL D 104 -37.99 20.14 12.34
C VAL D 104 -38.88 20.83 13.37
N ARG D 105 -39.88 20.15 13.92
CA ARG D 105 -40.66 20.74 15.00
C ARG D 105 -39.85 20.77 16.28
N GLY D 106 -40.39 21.51 17.26
CA GLY D 106 -39.87 21.44 18.61
C GLY D 106 -40.42 20.25 19.37
N PHE D 107 -39.77 19.93 20.48
CA PHE D 107 -40.17 18.81 21.30
C PHE D 107 -39.79 19.08 22.75
N PHE D 108 -40.52 18.45 23.66
CA PHE D 108 -40.21 18.51 25.08
C PHE D 108 -39.95 17.10 25.60
N GLY D 109 -38.78 16.89 26.19
CA GLY D 109 -38.44 15.63 26.78
C GLY D 109 -37.25 14.99 26.10
N PRO D 110 -37.11 13.67 26.25
CA PRO D 110 -36.01 12.99 25.59
C PRO D 110 -36.29 12.76 24.12
N LEU D 111 -35.21 12.64 23.34
CA LEU D 111 -35.33 12.22 21.96
C LEU D 111 -36.00 10.85 21.89
N ARG D 112 -37.16 10.78 21.25
CA ARG D 112 -37.83 9.50 21.07
C ARG D 112 -37.35 8.83 19.79
N THR D 113 -37.51 7.50 19.74
CA THR D 113 -36.97 6.69 18.66
C THR D 113 -38.08 6.10 17.78
N THR D 114 -39.30 6.61 17.88
CA THR D 114 -40.34 6.03 17.04
C THR D 114 -40.36 6.74 15.68
N PRO D 115 -40.63 6.02 14.59
CA PRO D 115 -40.62 6.68 13.28
C PRO D 115 -41.54 7.89 13.17
N SER D 116 -42.71 7.86 13.82
CA SER D 116 -43.64 8.98 13.72
C SER D 116 -42.99 10.28 14.19
N TRP D 117 -42.06 10.19 15.14
CA TRP D 117 -41.42 11.38 15.68
C TRP D 117 -40.80 12.22 14.58
N TYR D 118 -40.28 11.58 13.54
CA TYR D 118 -39.53 12.26 12.49
C TYR D 118 -40.44 12.56 11.30
N GLU D 119 -40.45 13.84 10.88
CA GLU D 119 -41.38 14.32 9.86
C GLU D 119 -40.98 13.87 8.47
N TYR D 120 -39.70 13.98 8.16
CA TYR D 120 -39.20 13.98 6.78
C TYR D 120 -38.20 12.84 6.64
N TRP D 121 -38.42 11.99 5.64
CA TRP D 121 -37.66 10.76 5.47
C TRP D 121 -36.94 10.75 4.13
N GLY D 122 -35.72 10.20 4.13
CA GLY D 122 -35.00 9.98 2.89
C GLY D 122 -35.50 8.75 2.16
N GLN D 123 -34.95 8.53 0.96
CA GLN D 123 -35.43 7.41 0.15
C GLN D 123 -34.76 6.10 0.50
N GLY D 124 -33.66 6.14 1.22
CA GLY D 124 -33.01 4.93 1.63
C GLY D 124 -31.75 4.71 0.83
N THR D 125 -30.76 4.08 1.47
CA THR D 125 -29.49 3.80 0.84
C THR D 125 -29.06 2.39 1.20
N GLN D 126 -28.53 1.67 0.21
CA GLN D 126 -28.20 0.26 0.36
C GLN D 126 -26.86 0.10 1.05
N VAL D 127 -26.85 -0.67 2.14
CA VAL D 127 -25.62 -1.07 2.83
C VAL D 127 -25.60 -2.59 2.86
N THR D 128 -24.56 -3.18 2.26
CA THR D 128 -24.45 -4.63 2.14
C THR D 128 -23.08 -5.07 2.67
N VAL D 129 -23.08 -6.08 3.52
CA VAL D 129 -21.87 -6.65 4.10
C VAL D 129 -21.80 -8.11 3.67
N SER D 130 -20.72 -8.48 2.98
CA SER D 130 -20.59 -9.83 2.45
C SER D 130 -19.11 -10.18 2.32
N GLY D 131 -18.83 -11.48 2.25
CA GLY D 131 -17.47 -11.96 2.13
C GLY D 131 -16.89 -11.75 0.75
N LEU D 132 -15.56 -11.75 0.69
CA LEU D 132 -14.82 -11.43 -0.53
C LEU D 132 -14.53 -12.66 -1.38
N GLU D 133 -15.56 -13.49 -1.59
CA GLU D 133 -15.37 -14.78 -2.24
C GLU D 133 -16.04 -14.81 -3.61
#